data_1JCN
#
_entry.id   1JCN
#
_cell.length_a   148.108
_cell.length_b   148.108
_cell.length_c   122.016
_cell.angle_alpha   90.00
_cell.angle_beta   90.00
_cell.angle_gamma   90.00
#
_symmetry.space_group_name_H-M   'I 4'
#
loop_
_entity.id
_entity.type
_entity.pdbx_description
1 polymer 'INOSINE MONOPHOSPHATE DEHYDROGENASE I'
2 non-polymer "6-CHLOROPURINE RIBOSIDE, 5'-MONOPHOSPHATE"
3 water water
#
_entity_poly.entity_id   1
_entity_poly.type   'polypeptide(L)'
_entity_poly.pdbx_seq_one_letter_code
;MADYLISGGTGYVPEDGLTAQQLFASADDLTYNDFLILPGFIDFIADEVDLTSALTRKITLKTPLISSPMDTVTEADMAI
AMALMGGIGFIHHNCTPEFQANEVRKVKNFEQGFITDPVVLSPSHTVGDVLEAKMRHGFSGIPITETGTMGSKLVGIVTS
RDIDFLAEKDHTTLLSEVMTPRIELVVAPAGVTLKEANEILQRSKKGKLPIVNDCDELVAIIARTDLKKNRDYPLASKDS
QKQLLCGAAVGTREDDKYRLDLLTQAGVDVIVLDSSQGNSVYQIAMVHYIKQKYPHLQVIGGNVVTAAQAKNLIDAGVDG
LRVGMGCGSICITQEVMACGRPQGTAVYKVAEYARRFGVPIIADGGIQTVGHVVKALALGASTVMMGSLLAATTEAPGEY
FFSDGVRLKKYRGMGSLDAMEKSSSSQKRYFSEGDKVKIAQGVSGSIQDKGSIQKFVPYLIAGIQHGCQDIGARSLSVLR
SMMYSGELKFEKRTMSAQIEGGVHGLHSYEKRLY
;
_entity_poly.pdbx_strand_id   A,B
#
# COMPACT_ATOMS: atom_id res chain seq x y z
N THR A 10 0.53 6.71 5.21
CA THR A 10 -0.86 6.81 5.73
C THR A 10 -1.74 5.69 5.19
N GLY A 11 -1.46 5.28 3.95
CA GLY A 11 -2.23 4.22 3.31
C GLY A 11 -2.00 2.82 3.87
N TYR A 12 -0.75 2.41 3.92
CA TYR A 12 -0.39 1.09 4.43
C TYR A 12 1.11 0.81 4.38
N VAL A 13 1.55 -0.26 5.04
CA VAL A 13 2.94 -0.65 5.04
C VAL A 13 3.06 -1.94 4.20
N PRO A 14 2.35 -3.01 4.60
CA PRO A 14 2.38 -4.28 3.86
C PRO A 14 1.43 -4.23 2.66
N GLU A 15 0.43 -5.12 2.66
CA GLU A 15 -0.57 -5.16 1.59
C GLU A 15 -1.94 -4.74 2.12
N ASP A 16 -2.38 -3.54 1.76
CA ASP A 16 -3.67 -3.04 2.22
C ASP A 16 -4.85 -3.68 1.49
N GLY A 17 -5.75 -2.84 0.98
CA GLY A 17 -6.90 -3.32 0.25
C GLY A 17 -6.79 -2.92 -1.20
N LEU A 18 -7.86 -2.37 -1.75
CA LEU A 18 -7.85 -1.97 -3.14
C LEU A 18 -8.12 -0.49 -3.29
N THR A 19 -7.51 0.13 -4.30
CA THR A 19 -7.77 1.54 -4.55
C THR A 19 -9.10 1.57 -5.29
N ALA A 20 -9.70 2.76 -5.38
CA ALA A 20 -10.97 2.89 -6.07
C ALA A 20 -10.80 2.55 -7.57
N GLN A 21 -9.67 2.91 -8.15
CA GLN A 21 -9.50 2.62 -9.56
C GLN A 21 -9.36 1.11 -9.79
N GLN A 22 -8.98 0.36 -8.78
CA GLN A 22 -8.88 -1.09 -8.93
C GLN A 22 -10.25 -1.71 -8.70
N LEU A 23 -10.86 -1.37 -7.58
CA LEU A 23 -12.16 -1.89 -7.20
C LEU A 23 -13.21 -1.69 -8.29
N PHE A 24 -13.35 -0.46 -8.77
CA PHE A 24 -14.35 -0.19 -9.79
C PHE A 24 -13.91 -0.51 -11.21
N ALA A 25 -12.90 -1.37 -11.32
CA ALA A 25 -12.37 -1.80 -12.60
C ALA A 25 -12.40 -3.32 -12.68
N SER A 26 -12.90 -3.95 -11.62
CA SER A 26 -13.01 -5.41 -11.60
C SER A 26 -13.82 -5.80 -12.83
N ALA A 27 -14.99 -6.39 -12.62
CA ALA A 27 -15.79 -6.76 -13.77
C ALA A 27 -17.27 -6.66 -13.44
N ASP A 28 -17.55 -6.27 -12.19
CA ASP A 28 -18.92 -6.16 -11.73
C ASP A 28 -19.24 -4.78 -11.22
N ASP A 29 -20.48 -4.35 -11.46
CA ASP A 29 -20.93 -3.05 -11.00
C ASP A 29 -21.23 -3.24 -9.53
N LEU A 30 -20.88 -2.23 -8.74
CA LEU A 30 -21.06 -2.29 -7.32
C LEU A 30 -22.17 -1.44 -6.71
N THR A 31 -22.67 -1.96 -5.61
CA THR A 31 -23.73 -1.35 -4.83
C THR A 31 -23.04 -0.83 -3.56
N TYR A 32 -23.69 0.07 -2.84
CA TYR A 32 -23.11 0.59 -1.60
C TYR A 32 -22.81 -0.54 -0.60
N ASN A 33 -23.64 -1.57 -0.56
CA ASN A 33 -23.40 -2.67 0.37
C ASN A 33 -22.34 -3.68 -0.10
N ASP A 34 -21.80 -3.51 -1.30
CA ASP A 34 -20.80 -4.44 -1.82
C ASP A 34 -19.38 -4.24 -1.32
N PHE A 35 -19.11 -3.16 -0.60
CA PHE A 35 -17.75 -2.93 -0.14
C PHE A 35 -17.72 -2.09 1.13
N LEU A 36 -16.51 -1.96 1.69
CA LEU A 36 -16.28 -1.19 2.90
C LEU A 36 -15.09 -0.31 2.66
N ILE A 37 -14.99 0.78 3.41
CA ILE A 37 -13.83 1.66 3.28
C ILE A 37 -12.91 1.32 4.45
N LEU A 38 -11.62 1.18 4.15
CA LEU A 38 -10.62 0.88 5.16
C LEU A 38 -10.26 2.14 5.95
N PRO A 39 -10.22 2.06 7.30
CA PRO A 39 -9.90 3.17 8.21
C PRO A 39 -8.44 3.61 8.09
N GLY A 40 -8.15 4.81 8.55
CA GLY A 40 -6.80 5.36 8.48
C GLY A 40 -6.24 5.86 9.81
N PHE A 41 -5.63 7.05 9.79
CA PHE A 41 -5.02 7.65 10.98
C PHE A 41 -5.80 8.86 11.50
N ILE A 42 -6.09 8.85 12.80
CA ILE A 42 -6.86 9.94 13.43
C ILE A 42 -6.03 10.88 14.32
N ASP A 43 -6.05 12.16 14.00
CA ASP A 43 -5.32 13.14 14.82
C ASP A 43 -6.16 14.42 15.01
N PHE A 44 -7.48 14.24 15.02
CA PHE A 44 -8.42 15.35 15.21
C PHE A 44 -9.77 14.84 15.73
N ILE A 45 -10.62 15.75 16.18
CA ILE A 45 -11.93 15.36 16.70
C ILE A 45 -12.97 15.42 15.59
N ALA A 46 -14.02 14.63 15.72
CA ALA A 46 -15.06 14.60 14.70
C ALA A 46 -15.71 15.95 14.46
N ASP A 47 -15.90 16.72 15.53
CA ASP A 47 -16.53 18.03 15.38
C ASP A 47 -15.67 19.03 14.61
N GLU A 48 -14.46 18.63 14.24
CA GLU A 48 -13.55 19.49 13.48
C GLU A 48 -13.70 19.26 11.96
N VAL A 49 -14.43 18.20 11.60
CA VAL A 49 -14.64 17.87 10.20
C VAL A 49 -15.60 18.83 9.50
N ASP A 50 -15.14 19.37 8.38
CA ASP A 50 -15.90 20.31 7.57
C ASP A 50 -16.69 19.57 6.46
N LEU A 51 -18.00 19.75 6.44
CA LEU A 51 -18.86 19.10 5.44
C LEU A 51 -19.34 20.00 4.32
N THR A 52 -18.66 21.13 4.11
CA THR A 52 -19.06 22.04 3.04
C THR A 52 -19.06 21.30 1.71
N SER A 53 -20.12 21.48 0.93
CA SER A 53 -20.27 20.77 -0.34
C SER A 53 -20.87 21.64 -1.42
N ALA A 54 -20.43 21.41 -2.65
CA ALA A 54 -20.95 22.15 -3.80
C ALA A 54 -22.20 21.44 -4.33
N LEU A 55 -23.32 22.17 -4.42
CA LEU A 55 -24.56 21.59 -4.93
C LEU A 55 -24.57 21.70 -6.44
N THR A 56 -24.02 22.80 -6.93
CA THR A 56 -23.92 23.07 -8.36
C THR A 56 -22.67 23.95 -8.47
N ARG A 57 -22.35 24.38 -9.68
CA ARG A 57 -21.20 25.22 -9.91
C ARG A 57 -21.16 26.49 -9.04
N LYS A 58 -22.29 27.11 -8.80
CA LYS A 58 -22.30 28.33 -8.01
C LYS A 58 -23.01 28.30 -6.66
N ILE A 59 -23.60 27.15 -6.30
CA ILE A 59 -24.28 27.05 -5.02
C ILE A 59 -23.52 26.13 -4.07
N THR A 60 -23.17 26.63 -2.89
CA THR A 60 -22.45 25.84 -1.92
C THR A 60 -23.27 25.75 -0.63
N LEU A 61 -23.29 24.57 -0.02
CA LEU A 61 -24.03 24.36 1.21
C LEU A 61 -23.08 23.90 2.32
N LYS A 62 -23.51 24.07 3.56
CA LYS A 62 -22.70 23.65 4.70
C LYS A 62 -22.73 22.12 4.88
N THR A 63 -23.81 21.49 4.43
CA THR A 63 -23.92 20.04 4.52
C THR A 63 -24.19 19.55 3.11
N PRO A 64 -23.95 18.25 2.85
CA PRO A 64 -24.19 17.72 1.50
C PRO A 64 -25.54 17.04 1.33
N LEU A 65 -26.48 17.36 2.22
CA LEU A 65 -27.79 16.73 2.19
C LEU A 65 -28.89 17.45 1.42
N ILE A 66 -29.53 16.73 0.51
CA ILE A 66 -30.63 17.33 -0.24
C ILE A 66 -31.83 16.38 -0.32
N SER A 67 -33.02 16.93 -0.06
CA SER A 67 -34.25 16.15 -0.07
C SER A 67 -34.76 15.96 -1.49
N SER A 68 -35.36 14.81 -1.73
CA SER A 68 -35.87 14.46 -3.05
C SER A 68 -37.20 15.09 -3.44
N PRO A 69 -37.36 15.43 -4.75
CA PRO A 69 -38.60 16.04 -5.25
C PRO A 69 -39.73 15.02 -5.46
N MET A 70 -40.13 14.36 -4.38
CA MET A 70 -41.22 13.38 -4.39
C MET A 70 -42.38 13.97 -3.58
N ASP A 71 -43.61 13.68 -4.00
CA ASP A 71 -44.78 14.23 -3.31
C ASP A 71 -44.97 13.70 -1.89
N THR A 72 -44.19 12.69 -1.52
CA THR A 72 -44.29 12.14 -0.18
C THR A 72 -43.07 12.58 0.61
N VAL A 73 -42.31 13.53 0.06
CA VAL A 73 -41.10 13.98 0.73
C VAL A 73 -40.85 15.48 0.85
N THR A 74 -40.94 16.20 -0.27
CA THR A 74 -40.62 17.62 -0.23
C THR A 74 -41.61 18.66 -0.69
N GLU A 75 -42.05 19.49 0.25
CA GLU A 75 -42.93 20.63 -0.02
C GLU A 75 -42.34 21.76 0.82
N ALA A 76 -43.07 22.86 0.94
CA ALA A 76 -42.58 24.00 1.72
C ALA A 76 -41.94 23.59 3.05
N ASP A 77 -42.67 22.78 3.80
CA ASP A 77 -42.26 22.29 5.11
C ASP A 77 -40.81 21.78 5.11
N MET A 78 -40.61 20.70 4.35
CA MET A 78 -39.32 20.04 4.20
C MET A 78 -38.21 20.97 3.71
N ALA A 79 -38.50 21.72 2.65
CA ALA A 79 -37.51 22.63 2.08
C ALA A 79 -37.01 23.65 3.09
N ILE A 80 -37.91 24.22 3.88
CA ILE A 80 -37.50 25.20 4.88
C ILE A 80 -36.59 24.55 5.91
N ALA A 81 -37.07 23.43 6.49
CA ALA A 81 -36.32 22.70 7.50
C ALA A 81 -34.96 22.29 6.95
N MET A 82 -34.99 21.67 5.77
CA MET A 82 -33.78 21.22 5.08
C MET A 82 -32.78 22.38 4.90
N ALA A 83 -33.28 23.56 4.54
CA ALA A 83 -32.41 24.72 4.34
C ALA A 83 -31.86 25.30 5.64
N LEU A 84 -32.65 25.25 6.70
CA LEU A 84 -32.20 25.78 7.98
C LEU A 84 -31.12 24.93 8.61
N MET A 85 -31.07 23.66 8.27
CA MET A 85 -30.05 22.80 8.85
C MET A 85 -28.80 22.58 7.97
N GLY A 86 -28.64 23.39 6.94
CA GLY A 86 -27.46 23.28 6.09
C GLY A 86 -27.62 22.62 4.74
N GLY A 87 -28.81 22.11 4.44
CA GLY A 87 -29.02 21.47 3.16
C GLY A 87 -29.96 22.23 2.27
N ILE A 88 -30.73 21.51 1.46
CA ILE A 88 -31.69 22.14 0.57
C ILE A 88 -32.70 21.09 0.15
N GLY A 89 -33.91 21.55 -0.20
CA GLY A 89 -34.93 20.63 -0.65
C GLY A 89 -35.43 21.04 -2.03
N PHE A 90 -35.89 20.09 -2.81
CA PHE A 90 -36.42 20.40 -4.13
C PHE A 90 -37.93 20.09 -4.09
N ILE A 91 -38.75 21.10 -4.38
CA ILE A 91 -40.21 20.95 -4.37
C ILE A 91 -40.68 20.08 -5.55
N HIS A 92 -41.41 19.01 -5.23
CA HIS A 92 -41.92 18.13 -6.29
C HIS A 92 -42.87 18.88 -7.21
N HIS A 93 -43.08 18.33 -8.39
CA HIS A 93 -43.96 18.94 -9.38
C HIS A 93 -45.24 18.14 -9.65
N ASN A 94 -45.65 17.30 -8.69
CA ASN A 94 -46.87 16.52 -8.85
C ASN A 94 -48.00 17.41 -8.31
N CYS A 95 -48.21 18.52 -9.00
CA CYS A 95 -49.21 19.49 -8.61
C CYS A 95 -49.29 20.50 -9.75
N THR A 96 -50.14 21.52 -9.60
CA THR A 96 -50.27 22.52 -10.65
C THR A 96 -49.10 23.51 -10.57
N PRO A 97 -48.81 24.19 -11.69
CA PRO A 97 -47.71 25.16 -11.69
C PRO A 97 -47.88 26.21 -10.60
N GLU A 98 -49.12 26.67 -10.41
CA GLU A 98 -49.41 27.68 -9.39
C GLU A 98 -49.11 27.16 -7.98
N PHE A 99 -49.57 25.94 -7.70
CA PHE A 99 -49.35 25.33 -6.38
C PHE A 99 -47.85 25.23 -6.08
N GLN A 100 -47.09 24.66 -7.02
CA GLN A 100 -45.66 24.50 -6.82
C GLN A 100 -44.97 25.85 -6.63
N ALA A 101 -45.33 26.82 -7.46
CA ALA A 101 -44.74 28.15 -7.39
C ALA A 101 -45.01 28.76 -6.03
N ASN A 102 -46.21 28.50 -5.52
CA ASN A 102 -46.61 29.03 -4.22
C ASN A 102 -45.82 28.40 -3.07
N GLU A 103 -45.41 27.14 -3.22
CA GLU A 103 -44.63 26.49 -2.17
C GLU A 103 -43.25 27.14 -2.11
N VAL A 104 -42.69 27.41 -3.29
CA VAL A 104 -41.37 28.04 -3.36
C VAL A 104 -41.43 29.37 -2.63
N ARG A 105 -42.45 30.16 -2.96
CA ARG A 105 -42.68 31.46 -2.37
C ARG A 105 -42.63 31.40 -0.84
N LYS A 106 -43.32 30.41 -0.26
CA LYS A 106 -43.32 30.24 1.18
C LYS A 106 -41.89 30.04 1.71
N VAL A 107 -41.11 29.24 0.98
CA VAL A 107 -39.72 28.97 1.38
C VAL A 107 -38.86 30.24 1.32
N LYS A 108 -38.99 30.99 0.23
CA LYS A 108 -38.21 32.21 0.04
C LYS A 108 -38.56 33.35 1.02
N ASN A 109 -39.81 33.38 1.47
CA ASN A 109 -40.28 34.45 2.37
C ASN A 109 -40.14 34.12 3.85
N PHE A 110 -39.66 32.92 4.17
CA PHE A 110 -39.53 32.52 5.56
C PHE A 110 -38.51 33.35 6.33
N GLU A 111 -38.79 33.52 7.63
CA GLU A 111 -37.95 34.22 8.57
C GLU A 111 -38.56 33.89 9.92
N GLN A 112 -37.79 33.31 10.82
CA GLN A 112 -38.34 32.94 12.12
C GLN A 112 -38.92 34.12 12.89
N GLY A 113 -39.99 33.85 13.61
CA GLY A 113 -40.64 34.90 14.37
C GLY A 113 -41.79 35.50 13.58
N PHE A 114 -41.88 35.15 12.30
CA PHE A 114 -42.95 35.65 11.44
C PHE A 114 -43.85 34.52 10.96
N ILE A 115 -45.16 34.79 10.88
CA ILE A 115 -46.08 33.78 10.43
C ILE A 115 -45.95 33.61 8.93
N THR A 116 -45.68 32.39 8.51
CA THR A 116 -45.50 32.06 7.11
C THR A 116 -46.65 32.57 6.23
N ASP A 117 -47.88 32.18 6.57
CA ASP A 117 -49.06 32.58 5.81
C ASP A 117 -50.20 33.07 6.72
N PRO A 118 -50.31 34.40 6.88
CA PRO A 118 -51.35 35.04 7.72
C PRO A 118 -52.70 35.15 7.00
N VAL A 119 -53.71 34.47 7.51
CA VAL A 119 -55.05 34.53 6.91
C VAL A 119 -55.63 35.92 7.12
N VAL A 120 -55.25 36.86 6.25
CA VAL A 120 -55.70 38.23 6.35
C VAL A 120 -57.15 38.47 5.92
N LEU A 121 -58.02 38.72 6.88
CA LEU A 121 -59.44 39.00 6.62
C LEU A 121 -60.09 37.84 5.86
N SER A 122 -61.34 38.04 5.45
CA SER A 122 -62.08 37.01 4.70
C SER A 122 -63.49 37.39 4.21
N PRO A 123 -64.17 38.36 4.87
CA PRO A 123 -65.53 38.77 4.47
C PRO A 123 -65.86 38.59 3.00
N GLY A 141 -55.94 35.04 16.02
CA GLY A 141 -57.06 35.64 15.23
C GLY A 141 -56.53 36.30 13.95
N ILE A 142 -57.40 36.39 12.94
CA ILE A 142 -57.05 36.98 11.66
C ILE A 142 -57.14 38.50 11.70
N PRO A 143 -56.48 39.16 10.76
CA PRO A 143 -56.50 40.62 10.69
C PRO A 143 -57.50 41.14 9.66
N ILE A 144 -57.90 42.40 9.80
CA ILE A 144 -58.85 43.02 8.88
C ILE A 144 -58.12 43.99 7.96
N THR A 145 -58.82 44.51 6.96
CA THR A 145 -58.22 45.46 6.01
C THR A 145 -57.16 44.73 5.17
N GLU A 146 -57.64 43.95 4.20
CA GLU A 146 -56.76 43.18 3.31
C GLU A 146 -55.59 44.00 2.79
N VAL A 155 -58.15 48.58 9.05
CA VAL A 155 -57.49 48.07 10.25
C VAL A 155 -58.52 47.51 11.22
N GLY A 156 -58.32 46.26 11.64
CA GLY A 156 -59.22 45.61 12.57
C GLY A 156 -58.85 44.16 12.78
N ILE A 157 -59.68 43.43 13.53
CA ILE A 157 -59.42 42.02 13.81
C ILE A 157 -60.66 41.21 14.16
N VAL A 158 -60.74 39.99 13.63
CA VAL A 158 -61.85 39.10 13.91
C VAL A 158 -61.37 37.99 14.83
N THR A 159 -61.30 38.29 16.12
CA THR A 159 -60.85 37.33 17.12
C THR A 159 -61.94 36.36 17.54
N SER A 160 -61.53 35.20 18.02
CA SER A 160 -62.46 34.15 18.45
C SER A 160 -63.42 34.56 19.56
N ARG A 161 -63.20 35.73 20.14
CA ARG A 161 -64.06 36.19 21.21
C ARG A 161 -65.23 36.98 20.64
N ASP A 162 -64.93 37.86 19.68
CA ASP A 162 -65.96 38.68 19.06
C ASP A 162 -66.77 37.85 18.06
N ILE A 163 -66.54 36.54 18.08
CA ILE A 163 -67.25 35.62 17.20
C ILE A 163 -67.92 34.52 18.04
N ASP A 164 -67.54 34.44 19.31
CA ASP A 164 -68.09 33.45 20.21
C ASP A 164 -68.93 34.09 21.32
N PRO A 181 -68.95 41.78 12.64
CA PRO A 181 -68.34 41.76 13.99
C PRO A 181 -66.81 41.70 13.94
N ARG A 182 -66.18 42.87 13.95
CA ARG A 182 -64.72 42.97 13.91
C ARG A 182 -64.26 43.82 15.08
N ILE A 183 -62.94 43.94 15.26
CA ILE A 183 -62.41 44.72 16.38
C ILE A 183 -61.22 45.59 16.00
N GLU A 184 -61.05 46.71 16.72
CA GLU A 184 -59.95 47.63 16.49
C GLU A 184 -58.70 47.04 17.17
N LEU A 185 -57.81 46.46 16.36
CA LEU A 185 -56.58 45.84 16.88
C LEU A 185 -55.39 46.81 16.88
N VAL A 186 -54.45 46.58 17.80
CA VAL A 186 -53.26 47.42 17.92
C VAL A 186 -52.11 46.82 17.09
N VAL A 187 -51.32 47.68 16.46
CA VAL A 187 -50.22 47.23 15.61
C VAL A 187 -48.86 47.80 15.99
N ALA A 188 -47.82 47.31 15.31
CA ALA A 188 -46.45 47.74 15.55
C ALA A 188 -45.81 48.23 14.24
N PRO A 189 -44.88 49.19 14.34
CA PRO A 189 -44.17 49.78 13.20
C PRO A 189 -43.24 48.79 12.51
N ALA A 190 -43.19 48.83 11.19
CA ALA A 190 -42.31 47.94 10.44
C ALA A 190 -40.88 48.18 10.92
N GLY A 191 -40.10 47.11 10.95
CA GLY A 191 -38.72 47.23 11.39
C GLY A 191 -38.50 46.61 12.76
N VAL A 192 -39.51 46.75 13.62
CA VAL A 192 -39.45 46.20 14.97
C VAL A 192 -38.77 44.84 14.98
N THR A 193 -37.89 44.63 15.95
CA THR A 193 -37.18 43.36 16.06
C THR A 193 -38.03 42.35 16.82
N LEU A 194 -37.52 41.13 16.99
CA LEU A 194 -38.23 40.09 17.73
C LEU A 194 -38.12 40.42 19.22
N LYS A 195 -37.20 41.32 19.54
CA LYS A 195 -36.97 41.75 20.91
C LYS A 195 -37.93 42.90 21.20
N GLU A 196 -38.12 43.75 20.20
CA GLU A 196 -39.01 44.90 20.32
C GLU A 196 -40.44 44.48 20.00
N ALA A 197 -40.63 43.21 19.68
CA ALA A 197 -41.95 42.71 19.36
C ALA A 197 -42.43 41.73 20.41
N ASN A 198 -41.57 40.78 20.76
CA ASN A 198 -41.92 39.78 21.77
C ASN A 198 -41.91 40.43 23.15
N GLU A 199 -41.76 41.75 23.17
CA GLU A 199 -41.78 42.52 24.40
C GLU A 199 -43.10 43.26 24.38
N ILE A 200 -43.41 43.86 23.23
CA ILE A 200 -44.67 44.59 23.06
C ILE A 200 -45.82 43.60 23.25
N LEU A 201 -45.59 42.36 22.85
CA LEU A 201 -46.61 41.32 22.97
C LEU A 201 -46.84 40.89 24.41
N GLN A 202 -45.75 40.67 25.14
CA GLN A 202 -45.83 40.26 26.53
C GLN A 202 -46.54 41.31 27.39
N ARG A 203 -46.50 42.55 26.92
CA ARG A 203 -47.13 43.65 27.63
C ARG A 203 -48.64 43.54 27.52
N SER A 204 -49.14 43.51 26.29
CA SER A 204 -50.58 43.43 26.03
C SER A 204 -51.15 42.02 26.09
N LYS A 205 -50.35 41.07 26.55
CA LYS A 205 -50.78 39.68 26.65
C LYS A 205 -51.43 39.18 25.37
N LYS A 206 -50.63 39.02 24.32
CA LYS A 206 -51.11 38.54 23.03
C LYS A 206 -50.17 37.51 22.41
N GLY A 207 -50.59 36.92 21.30
CA GLY A 207 -49.78 35.93 20.63
C GLY A 207 -49.26 36.45 19.30
N LYS A 208 -50.17 36.98 18.48
CA LYS A 208 -49.81 37.53 17.17
C LYS A 208 -49.68 39.04 17.28
N LEU A 209 -48.84 39.62 16.43
CA LEU A 209 -48.62 41.08 16.44
C LEU A 209 -48.72 41.63 15.03
N PRO A 210 -49.93 42.01 14.60
CA PRO A 210 -50.10 42.55 13.25
C PRO A 210 -49.14 43.70 13.03
N ILE A 211 -48.37 43.63 11.94
CA ILE A 211 -47.40 44.68 11.61
C ILE A 211 -47.86 45.53 10.44
N VAL A 212 -47.64 46.84 10.53
CA VAL A 212 -48.05 47.76 9.48
C VAL A 212 -47.01 48.86 9.22
N ASN A 213 -47.17 49.55 8.10
CA ASN A 213 -46.27 50.63 7.72
C ASN A 213 -46.87 51.48 6.60
N ASP A 214 -47.57 50.82 5.67
CA ASP A 214 -48.18 51.53 4.55
C ASP A 214 -49.64 51.17 4.26
N CYS A 215 -50.37 50.77 5.30
CA CYS A 215 -51.79 50.41 5.21
C CYS A 215 -52.09 48.93 4.93
N ASP A 216 -51.06 48.16 4.61
CA ASP A 216 -51.25 46.73 4.35
C ASP A 216 -50.65 45.93 5.49
N GLU A 217 -51.05 44.67 5.59
CA GLU A 217 -50.55 43.79 6.64
C GLU A 217 -49.37 42.97 6.15
N LEU A 218 -48.18 43.31 6.65
CA LEU A 218 -46.95 42.63 6.27
C LEU A 218 -46.75 41.31 7.02
N VAL A 219 -47.13 41.27 8.29
CA VAL A 219 -46.99 40.05 9.09
C VAL A 219 -47.53 40.20 10.51
N ARG A 224 -45.69 38.31 13.27
CA ARG A 224 -45.01 38.02 14.57
C ARG A 224 -45.82 37.04 15.41
N THR A 225 -45.13 36.13 16.08
CA THR A 225 -45.81 35.15 16.89
C THR A 225 -44.99 34.81 18.14
N ASP A 226 -45.50 33.86 18.91
CA ASP A 226 -44.86 33.40 20.15
C ASP A 226 -43.45 32.86 19.87
N LEU A 227 -42.54 33.18 20.78
CA LEU A 227 -41.15 32.75 20.69
C LEU A 227 -40.42 33.30 21.91
N LYS A 228 -39.97 32.41 22.78
CA LYS A 228 -39.27 32.85 23.98
C LYS A 228 -38.01 32.03 24.24
N LYS A 229 -37.46 31.48 23.17
CA LYS A 229 -36.25 30.65 23.21
C LYS A 229 -35.95 30.20 21.79
N ASN A 230 -36.13 31.12 20.85
CA ASN A 230 -35.91 30.86 19.44
C ASN A 230 -34.61 30.10 19.19
N ARG A 231 -34.62 29.26 18.16
CA ARG A 231 -33.42 28.49 17.82
C ARG A 231 -32.51 29.31 16.93
N ASP A 232 -31.25 28.88 16.86
CA ASP A 232 -30.27 29.56 16.03
C ASP A 232 -29.84 28.56 14.95
N TYR A 233 -29.65 29.06 13.72
CA TYR A 233 -29.26 28.19 12.61
C TYR A 233 -28.00 28.70 11.91
N PRO A 234 -26.83 28.29 12.42
CA PRO A 234 -25.50 28.65 11.93
C PRO A 234 -25.15 28.05 10.56
N LEU A 235 -25.84 26.98 10.18
CA LEU A 235 -25.56 26.31 8.90
C LEU A 235 -26.53 26.65 7.79
N ALA A 236 -27.55 27.44 8.11
CA ALA A 236 -28.59 27.84 7.16
C ALA A 236 -28.14 28.17 5.74
N SER A 237 -28.82 27.58 4.77
CA SER A 237 -28.52 27.79 3.36
C SER A 237 -29.30 29.01 2.88
N LYS A 238 -28.59 30.10 2.59
CA LYS A 238 -29.25 31.32 2.15
C LYS A 238 -28.62 31.91 0.91
N ASP A 239 -29.40 32.65 0.14
CA ASP A 239 -28.87 33.28 -1.06
C ASP A 239 -28.28 34.65 -0.72
N SER A 240 -27.77 35.32 -1.75
CA SER A 240 -27.15 36.63 -1.60
C SER A 240 -28.02 37.66 -0.87
N GLN A 241 -29.34 37.46 -0.86
CA GLN A 241 -30.24 38.40 -0.20
C GLN A 241 -30.67 37.94 1.20
N LYS A 242 -30.03 36.89 1.69
CA LYS A 242 -30.33 36.34 3.01
C LYS A 242 -31.62 35.55 3.09
N GLN A 243 -32.15 35.13 1.95
CA GLN A 243 -33.36 34.32 1.92
C GLN A 243 -32.94 32.86 1.84
N LEU A 244 -33.75 31.95 2.39
CA LEU A 244 -33.42 30.53 2.33
C LEU A 244 -33.42 30.08 0.87
N LEU A 245 -32.50 29.16 0.55
CA LEU A 245 -32.39 28.63 -0.81
C LEU A 245 -33.46 27.59 -1.04
N CYS A 246 -33.96 27.52 -2.27
CA CYS A 246 -35.00 26.57 -2.62
C CYS A 246 -34.79 25.98 -4.01
N GLY A 247 -35.15 24.71 -4.15
CA GLY A 247 -35.03 24.04 -5.43
C GLY A 247 -36.39 23.55 -5.86
N ALA A 248 -36.53 23.23 -7.14
CA ALA A 248 -37.79 22.73 -7.67
C ALA A 248 -37.58 21.88 -8.91
N ALA A 249 -38.40 20.84 -9.05
CA ALA A 249 -38.31 19.94 -10.20
C ALA A 249 -39.29 20.32 -11.30
N VAL A 250 -38.90 20.06 -12.54
CA VAL A 250 -39.74 20.34 -13.70
C VAL A 250 -39.46 19.32 -14.81
N GLY A 251 -40.43 19.10 -15.68
CA GLY A 251 -40.25 18.18 -16.79
C GLY A 251 -39.50 18.88 -17.89
N THR A 252 -39.50 18.30 -19.10
CA THR A 252 -38.78 18.89 -20.21
C THR A 252 -39.62 19.05 -21.48
N ARG A 253 -40.93 19.14 -21.32
CA ARG A 253 -41.81 19.32 -22.46
C ARG A 253 -42.13 20.80 -22.56
N GLU A 254 -42.50 21.25 -23.76
CA GLU A 254 -42.84 22.65 -24.00
C GLU A 254 -43.75 23.16 -22.90
N ASP A 255 -44.76 22.37 -22.56
CA ASP A 255 -45.73 22.71 -21.51
C ASP A 255 -45.06 23.12 -20.22
N ASP A 256 -43.87 22.58 -19.97
CA ASP A 256 -43.14 22.88 -18.75
C ASP A 256 -42.55 24.28 -18.71
N LYS A 257 -42.49 24.94 -19.87
CA LYS A 257 -41.95 26.29 -19.94
C LYS A 257 -42.77 27.28 -19.11
N TYR A 258 -44.07 27.05 -19.04
CA TYR A 258 -44.95 27.92 -18.26
C TYR A 258 -44.68 27.72 -16.76
N ARG A 259 -44.46 26.48 -16.35
CA ARG A 259 -44.17 26.18 -14.95
C ARG A 259 -42.81 26.74 -14.55
N LEU A 260 -41.85 26.66 -15.45
CA LEU A 260 -40.51 27.18 -15.17
C LEU A 260 -40.59 28.67 -14.92
N ASP A 261 -41.44 29.34 -15.69
CA ASP A 261 -41.60 30.78 -15.56
C ASP A 261 -42.16 31.18 -14.19
N LEU A 262 -43.14 30.41 -13.69
CA LEU A 262 -43.71 30.72 -12.39
C LEU A 262 -42.69 30.48 -11.27
N LEU A 263 -41.94 29.38 -11.36
CA LEU A 263 -40.95 29.07 -10.35
C LEU A 263 -39.87 30.14 -10.32
N THR A 264 -39.45 30.61 -11.49
CA THR A 264 -38.43 31.63 -11.56
C THR A 264 -38.94 32.97 -11.00
N GLN A 265 -40.21 33.30 -11.26
CA GLN A 265 -40.77 34.55 -10.74
C GLN A 265 -40.89 34.39 -9.22
N ALA A 266 -41.13 33.16 -8.76
CA ALA A 266 -41.22 32.93 -7.32
C ALA A 266 -39.85 32.99 -6.65
N GLY A 267 -38.80 33.13 -7.46
CA GLY A 267 -37.45 33.22 -6.91
C GLY A 267 -36.75 31.92 -6.60
N VAL A 268 -36.96 30.90 -7.42
CA VAL A 268 -36.31 29.61 -7.18
C VAL A 268 -34.82 29.79 -7.51
N ASP A 269 -33.95 29.10 -6.77
CA ASP A 269 -32.52 29.21 -6.99
C ASP A 269 -31.96 28.10 -7.88
N VAL A 270 -32.50 26.89 -7.76
CA VAL A 270 -32.06 25.75 -8.55
C VAL A 270 -33.25 25.02 -9.16
N ILE A 271 -33.05 24.51 -10.35
CA ILE A 271 -34.07 23.75 -11.06
C ILE A 271 -33.48 22.39 -11.48
N VAL A 272 -34.19 21.31 -11.17
CA VAL A 272 -33.73 19.99 -11.57
C VAL A 272 -34.68 19.42 -12.61
N LEU A 273 -34.14 19.02 -13.75
CA LEU A 273 -34.95 18.44 -14.81
C LEU A 273 -35.19 16.98 -14.48
N ASP A 274 -36.38 16.72 -13.94
CA ASP A 274 -36.81 15.40 -13.50
C ASP A 274 -37.01 14.40 -14.64
N SER A 275 -36.17 13.36 -14.69
CA SER A 275 -36.29 12.36 -15.74
C SER A 275 -35.60 11.06 -15.36
N SER A 276 -36.10 9.95 -15.85
CA SER A 276 -35.49 8.67 -15.54
C SER A 276 -34.27 8.44 -16.43
N GLN A 277 -34.20 9.16 -17.54
CA GLN A 277 -33.10 9.04 -18.50
C GLN A 277 -32.88 10.41 -19.16
N GLY A 278 -32.05 11.25 -18.54
CA GLY A 278 -31.81 12.60 -19.03
C GLY A 278 -31.00 12.87 -20.28
N ASN A 279 -30.37 11.86 -20.86
CA ASN A 279 -29.57 12.07 -22.06
C ASN A 279 -30.46 12.08 -23.30
N SER A 280 -31.22 13.16 -23.47
CA SER A 280 -32.10 13.28 -24.62
C SER A 280 -32.08 14.68 -25.24
N VAL A 281 -32.43 14.74 -26.53
CA VAL A 281 -32.46 16.01 -27.24
C VAL A 281 -33.46 16.94 -26.57
N TYR A 282 -34.49 16.38 -25.95
CA TYR A 282 -35.50 17.19 -25.27
C TYR A 282 -34.91 17.92 -24.08
N GLN A 283 -34.22 17.17 -23.22
CA GLN A 283 -33.63 17.79 -22.04
C GLN A 283 -32.51 18.75 -22.42
N ILE A 284 -31.68 18.33 -23.38
CA ILE A 284 -30.58 19.16 -23.84
C ILE A 284 -31.12 20.51 -24.33
N ALA A 285 -32.19 20.46 -25.13
CA ALA A 285 -32.75 21.71 -25.65
C ALA A 285 -33.34 22.55 -24.52
N MET A 286 -33.90 21.89 -23.51
CA MET A 286 -34.47 22.59 -22.36
C MET A 286 -33.34 23.23 -21.55
N VAL A 287 -32.18 22.59 -21.48
CA VAL A 287 -31.04 23.13 -20.74
C VAL A 287 -30.57 24.38 -21.47
N HIS A 288 -30.43 24.28 -22.79
CA HIS A 288 -30.01 25.42 -23.61
C HIS A 288 -30.93 26.62 -23.40
N TYR A 289 -32.24 26.35 -23.45
CA TYR A 289 -33.27 27.36 -23.27
C TYR A 289 -33.10 28.10 -21.94
N ILE A 290 -33.12 27.36 -20.83
CA ILE A 290 -32.99 27.96 -19.52
C ILE A 290 -31.70 28.76 -19.39
N LYS A 291 -30.59 28.16 -19.78
CA LYS A 291 -29.29 28.82 -19.69
C LYS A 291 -29.32 30.14 -20.45
N GLN A 292 -30.19 30.22 -21.45
CA GLN A 292 -30.35 31.40 -22.28
C GLN A 292 -31.31 32.43 -21.69
N LYS A 293 -32.50 31.98 -21.31
CA LYS A 293 -33.52 32.88 -20.77
C LYS A 293 -33.47 33.21 -19.28
N TYR A 294 -32.80 32.36 -18.48
CA TYR A 294 -32.69 32.58 -17.03
C TYR A 294 -31.24 32.40 -16.57
N PRO A 295 -30.36 33.33 -16.97
CA PRO A 295 -28.93 33.32 -16.63
C PRO A 295 -28.58 33.13 -15.17
N HIS A 296 -29.47 33.58 -14.27
CA HIS A 296 -29.21 33.48 -12.85
C HIS A 296 -29.77 32.23 -12.19
N LEU A 297 -30.29 31.32 -13.01
CA LEU A 297 -30.86 30.08 -12.51
C LEU A 297 -29.89 28.91 -12.71
N GLN A 298 -29.62 28.13 -11.67
CA GLN A 298 -28.73 26.98 -11.81
C GLN A 298 -29.54 25.77 -12.28
N VAL A 299 -28.98 24.96 -13.18
CA VAL A 299 -29.71 23.81 -13.70
C VAL A 299 -28.99 22.47 -13.48
N ILE A 300 -29.71 21.54 -12.85
CA ILE A 300 -29.20 20.21 -12.59
C ILE A 300 -29.80 19.30 -13.65
N GLY A 301 -28.95 18.56 -14.35
CA GLY A 301 -29.42 17.69 -15.42
C GLY A 301 -29.94 16.30 -15.11
N GLY A 302 -31.01 15.94 -15.82
CA GLY A 302 -31.72 14.66 -15.71
C GLY A 302 -30.84 13.51 -15.35
N ASN A 303 -31.43 12.49 -14.73
CA ASN A 303 -30.67 11.33 -14.29
C ASN A 303 -29.88 10.60 -15.36
N VAL A 304 -28.63 10.33 -15.05
CA VAL A 304 -27.73 9.63 -15.95
C VAL A 304 -26.93 8.69 -15.08
N VAL A 305 -26.31 7.69 -15.71
CA VAL A 305 -25.49 6.74 -14.99
C VAL A 305 -24.19 6.40 -15.70
N THR A 306 -23.96 6.99 -16.87
CA THR A 306 -22.72 6.75 -17.60
C THR A 306 -22.08 8.09 -17.95
N ALA A 307 -20.79 8.05 -18.21
CA ALA A 307 -20.03 9.24 -18.58
C ALA A 307 -20.48 9.78 -19.94
N ALA A 308 -20.83 8.87 -20.85
CA ALA A 308 -21.29 9.26 -22.18
C ALA A 308 -22.56 10.11 -22.08
N GLN A 309 -23.48 9.75 -21.18
CA GLN A 309 -24.69 10.55 -21.00
C GLN A 309 -24.29 11.90 -20.42
N ALA A 310 -23.39 11.87 -19.44
CA ALA A 310 -22.94 13.09 -18.78
C ALA A 310 -22.35 14.08 -19.76
N LYS A 311 -21.63 13.57 -20.75
CA LYS A 311 -20.98 14.42 -21.73
C LYS A 311 -21.94 15.37 -22.46
N ASN A 312 -23.07 14.87 -22.93
CA ASN A 312 -24.04 15.69 -23.67
C ASN A 312 -24.67 16.81 -22.85
N LEU A 313 -25.03 16.49 -21.61
CA LEU A 313 -25.63 17.46 -20.72
C LEU A 313 -24.62 18.50 -20.25
N ILE A 314 -23.35 18.12 -20.16
CA ILE A 314 -22.34 19.07 -19.73
C ILE A 314 -22.04 20.02 -20.88
N ASP A 315 -21.95 19.48 -22.10
CA ASP A 315 -21.69 20.32 -23.27
C ASP A 315 -22.87 21.29 -23.39
N ALA A 316 -24.06 20.85 -23.00
CA ALA A 316 -25.24 21.70 -23.07
C ALA A 316 -25.20 22.81 -22.03
N GLY A 317 -24.40 22.64 -20.98
CA GLY A 317 -24.29 23.66 -19.97
C GLY A 317 -24.94 23.43 -18.60
N VAL A 318 -25.15 22.17 -18.21
CA VAL A 318 -25.74 21.93 -16.88
C VAL A 318 -24.76 22.39 -15.79
N ASP A 319 -25.30 22.76 -14.64
CA ASP A 319 -24.46 23.21 -13.54
C ASP A 319 -24.23 22.09 -12.53
N GLY A 320 -24.90 20.95 -12.75
CA GLY A 320 -24.79 19.79 -11.88
C GLY A 320 -25.49 18.58 -12.50
N LEU A 321 -25.16 17.38 -12.03
CA LEU A 321 -25.77 16.16 -12.56
C LEU A 321 -26.39 15.32 -11.45
N ARG A 322 -27.59 14.82 -11.71
CA ARG A 322 -28.28 13.97 -10.75
C ARG A 322 -28.01 12.55 -11.26
N VAL A 323 -27.36 11.74 -10.41
CA VAL A 323 -26.98 10.39 -10.76
C VAL A 323 -27.76 9.28 -10.09
N GLY A 324 -28.24 8.34 -10.89
CA GLY A 324 -29.01 7.22 -10.39
C GLY A 324 -30.04 6.72 -11.39
N MET A 325 -30.26 5.42 -11.39
CA MET A 325 -31.23 4.79 -12.28
C MET A 325 -31.32 3.31 -11.89
N GLY A 326 -32.48 2.91 -11.37
CA GLY A 326 -32.64 1.53 -10.97
C GLY A 326 -32.60 1.40 -9.47
N CYS A 327 -32.02 2.39 -8.80
CA CYS A 327 -31.95 2.40 -7.35
C CYS A 327 -33.03 3.33 -6.84
N GLY A 328 -33.22 3.38 -5.53
CA GLY A 328 -34.25 4.27 -5.01
C GLY A 328 -35.67 3.77 -5.20
N SER A 329 -36.62 4.53 -4.67
CA SER A 329 -38.04 4.20 -4.72
C SER A 329 -38.59 3.93 -6.12
N ILE A 330 -39.77 3.31 -6.17
CA ILE A 330 -40.40 3.00 -7.45
C ILE A 330 -41.86 3.45 -7.53
N CYS A 331 -42.30 3.79 -8.74
CA CYS A 331 -43.67 4.22 -8.98
C CYS A 331 -44.22 3.41 -10.14
N ILE A 332 -45.53 3.17 -10.13
CA ILE A 332 -46.15 2.41 -11.21
C ILE A 332 -46.03 3.18 -12.52
N THR A 333 -46.04 4.52 -12.42
CA THR A 333 -45.93 5.39 -13.58
C THR A 333 -44.51 5.42 -14.14
N GLN A 334 -43.60 4.70 -13.48
CA GLN A 334 -42.21 4.62 -13.89
C GLN A 334 -41.57 3.37 -13.30
N GLU A 335 -41.86 2.22 -13.88
CA GLU A 335 -41.29 0.97 -13.40
C GLU A 335 -39.90 0.80 -14.03
N VAL A 336 -39.04 0.02 -13.37
CA VAL A 336 -37.70 -0.22 -13.89
C VAL A 336 -37.76 -1.32 -14.94
N MET A 337 -37.03 -1.12 -16.03
CA MET A 337 -36.99 -2.09 -17.10
C MET A 337 -35.66 -2.81 -17.15
N ALA A 338 -35.05 -2.83 -18.33
CA ALA A 338 -33.77 -3.49 -18.50
C ALA A 338 -32.57 -2.55 -18.26
N CYS A 339 -32.81 -1.24 -18.31
CA CYS A 339 -31.75 -0.26 -18.11
C CYS A 339 -31.55 0.30 -16.72
N GLY A 340 -30.29 0.42 -16.34
CA GLY A 340 -29.96 0.94 -15.03
C GLY A 340 -28.52 0.64 -14.70
N ARG A 341 -28.12 0.90 -13.46
CA ARG A 341 -26.75 0.65 -13.07
C ARG A 341 -26.57 0.69 -11.56
N PRO A 342 -25.82 -0.28 -11.01
CA PRO A 342 -25.60 -0.29 -9.54
C PRO A 342 -25.11 1.11 -9.16
N GLN A 343 -25.68 1.66 -8.09
CA GLN A 343 -25.39 3.02 -7.65
C GLN A 343 -23.94 3.34 -7.34
N GLY A 344 -23.24 2.47 -6.63
CA GLY A 344 -21.85 2.72 -6.31
C GLY A 344 -21.04 3.02 -7.57
N THR A 345 -21.10 2.13 -8.55
CA THR A 345 -20.36 2.27 -9.80
C THR A 345 -20.78 3.51 -10.56
N ALA A 346 -22.08 3.76 -10.58
CA ALA A 346 -22.63 4.90 -11.29
C ALA A 346 -22.03 6.21 -10.79
N VAL A 347 -22.07 6.41 -9.47
CA VAL A 347 -21.54 7.63 -8.90
C VAL A 347 -20.06 7.80 -9.23
N TYR A 348 -19.29 6.73 -9.05
CA TYR A 348 -17.85 6.78 -9.32
C TYR A 348 -17.49 7.10 -10.77
N LYS A 349 -18.09 6.37 -11.71
CA LYS A 349 -17.81 6.56 -13.13
C LYS A 349 -18.26 7.91 -13.67
N VAL A 350 -19.39 8.42 -13.20
CA VAL A 350 -19.88 9.71 -13.66
C VAL A 350 -19.10 10.83 -12.97
N ALA A 351 -18.82 10.69 -11.68
CA ALA A 351 -18.08 11.73 -10.95
C ALA A 351 -16.65 11.88 -11.48
N GLU A 352 -16.06 10.76 -11.88
CA GLU A 352 -14.70 10.77 -12.41
C GLU A 352 -14.60 11.60 -13.68
N TYR A 353 -15.66 11.58 -14.49
CA TYR A 353 -15.66 12.35 -15.73
C TYR A 353 -16.12 13.79 -15.51
N ALA A 354 -17.12 13.96 -14.65
CA ALA A 354 -17.67 15.28 -14.36
C ALA A 354 -16.71 16.27 -13.67
N ARG A 355 -15.88 15.78 -12.76
CA ARG A 355 -14.94 16.67 -12.08
C ARG A 355 -13.97 17.33 -13.06
N ARG A 356 -13.75 16.70 -14.21
CA ARG A 356 -12.88 17.25 -15.24
C ARG A 356 -13.40 18.63 -15.69
N PHE A 357 -14.71 18.83 -15.59
CA PHE A 357 -15.32 20.10 -16.01
C PHE A 357 -15.90 20.90 -14.86
N GLY A 358 -15.54 20.52 -13.63
CA GLY A 358 -16.05 21.22 -12.47
C GLY A 358 -17.54 21.07 -12.25
N VAL A 359 -18.12 19.98 -12.72
CA VAL A 359 -19.55 19.75 -12.55
C VAL A 359 -19.87 18.80 -11.40
N PRO A 360 -20.44 19.34 -10.30
CA PRO A 360 -20.81 18.57 -9.11
C PRO A 360 -21.81 17.46 -9.42
N ILE A 361 -21.78 16.41 -8.60
CA ILE A 361 -22.68 15.30 -8.80
C ILE A 361 -23.50 14.98 -7.56
N ILE A 362 -24.78 14.70 -7.80
CA ILE A 362 -25.71 14.37 -6.74
C ILE A 362 -26.01 12.87 -6.79
N ALA A 363 -25.65 12.16 -5.73
CA ALA A 363 -25.86 10.74 -5.63
C ALA A 363 -27.33 10.54 -5.21
N ASP A 364 -28.17 10.24 -6.18
CA ASP A 364 -29.60 10.10 -5.95
C ASP A 364 -30.15 8.68 -5.92
N GLY A 365 -30.58 8.23 -4.74
CA GLY A 365 -31.16 6.91 -4.63
C GLY A 365 -30.36 5.82 -3.93
N GLY A 366 -31.07 4.99 -3.16
CA GLY A 366 -30.44 3.90 -2.46
C GLY A 366 -29.87 4.21 -1.09
N ILE A 367 -29.92 5.46 -0.67
CA ILE A 367 -29.40 5.83 0.64
C ILE A 367 -30.34 5.30 1.72
N GLN A 368 -29.79 4.54 2.66
CA GLN A 368 -30.59 3.98 3.76
C GLN A 368 -29.94 4.26 5.11
N THR A 369 -28.66 4.62 5.07
CA THR A 369 -27.93 4.89 6.30
C THR A 369 -26.84 5.91 6.09
N VAL A 370 -26.24 6.35 7.19
CA VAL A 370 -25.16 7.31 7.15
C VAL A 370 -24.03 6.68 6.35
N GLY A 371 -23.79 5.39 6.59
CA GLY A 371 -22.72 4.69 5.89
C GLY A 371 -22.85 4.81 4.38
N HIS A 372 -24.09 4.72 3.89
CA HIS A 372 -24.35 4.84 2.46
C HIS A 372 -23.97 6.24 2.00
N VAL A 373 -24.36 7.25 2.79
CA VAL A 373 -24.04 8.63 2.46
C VAL A 373 -22.54 8.85 2.33
N VAL A 374 -21.78 8.41 3.33
CA VAL A 374 -20.33 8.57 3.30
C VAL A 374 -19.67 7.83 2.15
N LYS A 375 -20.25 6.73 1.69
CA LYS A 375 -19.67 6.01 0.57
C LYS A 375 -19.94 6.77 -0.73
N ALA A 376 -21.15 7.29 -0.86
CA ALA A 376 -21.52 8.04 -2.04
C ALA A 376 -20.57 9.23 -2.20
N LEU A 377 -20.31 9.93 -1.10
CA LEU A 377 -19.42 11.09 -1.14
C LEU A 377 -17.97 10.69 -1.42
N ALA A 378 -17.49 9.63 -0.76
CA ALA A 378 -16.12 9.18 -0.96
C ALA A 378 -15.87 8.77 -2.42
N LEU A 379 -16.92 8.31 -3.10
CA LEU A 379 -16.81 7.88 -4.47
C LEU A 379 -16.82 9.00 -5.49
N GLY A 380 -16.98 10.24 -5.01
CA GLY A 380 -16.99 11.36 -5.93
C GLY A 380 -18.20 12.26 -5.96
N ALA A 381 -19.33 11.82 -5.41
CA ALA A 381 -20.51 12.68 -5.41
C ALA A 381 -20.24 13.89 -4.49
N SER A 382 -20.78 15.06 -4.86
CA SER A 382 -20.60 16.25 -4.04
C SER A 382 -21.71 16.33 -2.99
N THR A 383 -22.90 15.86 -3.32
CA THR A 383 -24.02 15.88 -2.39
C THR A 383 -24.78 14.58 -2.57
N VAL A 384 -25.73 14.33 -1.69
CA VAL A 384 -26.54 13.11 -1.79
C VAL A 384 -28.02 13.48 -1.69
N MET A 385 -28.83 12.85 -2.52
CA MET A 385 -30.27 13.12 -2.52
C MET A 385 -30.98 12.01 -1.76
N MET A 386 -31.82 12.36 -0.81
CA MET A 386 -32.54 11.35 -0.06
C MET A 386 -34.03 11.51 -0.17
N GLY A 387 -34.71 10.37 -0.33
CA GLY A 387 -36.16 10.38 -0.43
C GLY A 387 -36.81 9.62 0.72
N SER A 388 -36.90 8.31 0.58
CA SER A 388 -37.54 7.48 1.60
C SER A 388 -36.95 7.61 3.01
N LEU A 389 -35.66 7.91 3.13
CA LEU A 389 -35.07 8.03 4.46
C LEU A 389 -35.61 9.26 5.21
N LEU A 390 -36.19 10.20 4.48
CA LEU A 390 -36.75 11.43 5.03
C LEU A 390 -38.27 11.37 5.02
N ALA A 391 -38.80 10.41 4.28
CA ALA A 391 -40.24 10.24 4.17
C ALA A 391 -40.94 10.10 5.53
N ALA A 392 -40.21 9.63 6.55
CA ALA A 392 -40.81 9.44 7.86
C ALA A 392 -40.55 10.57 8.87
N THR A 393 -40.17 11.76 8.40
CA THR A 393 -39.94 12.87 9.32
C THR A 393 -41.19 13.73 9.43
N THR A 394 -41.27 14.52 10.49
CA THR A 394 -42.41 15.40 10.74
C THR A 394 -42.74 16.34 9.59
N GLU A 395 -41.72 16.93 8.98
CA GLU A 395 -41.92 17.87 7.90
C GLU A 395 -42.29 17.30 6.56
N ALA A 396 -42.37 15.97 6.45
CA ALA A 396 -42.73 15.36 5.19
C ALA A 396 -44.24 15.42 4.99
N PRO A 397 -44.70 15.80 3.79
CA PRO A 397 -46.14 15.91 3.51
C PRO A 397 -46.97 14.68 3.91
N GLY A 398 -48.20 14.93 4.36
CA GLY A 398 -49.09 13.85 4.76
C GLY A 398 -49.67 14.03 6.16
N GLU A 399 -51.00 14.13 6.23
CA GLU A 399 -51.72 14.33 7.50
C GLU A 399 -50.86 14.86 8.64
N LYS A 450 -40.01 9.12 13.05
CA LYS A 450 -38.59 9.40 13.08
C LYS A 450 -38.28 10.83 13.52
N GLY A 451 -39.34 11.56 13.85
CA GLY A 451 -39.18 12.93 14.32
C GLY A 451 -38.95 14.00 13.28
N SER A 452 -38.55 15.18 13.77
CA SER A 452 -38.30 16.35 12.94
C SER A 452 -36.92 16.36 12.27
N ILE A 453 -36.85 17.02 11.13
CA ILE A 453 -35.61 17.18 10.39
C ILE A 453 -34.59 17.91 11.30
N GLN A 454 -35.09 18.74 12.21
CA GLN A 454 -34.24 19.50 13.13
C GLN A 454 -33.46 18.63 14.11
N LYS A 455 -33.85 17.37 14.24
CA LYS A 455 -33.14 16.45 15.10
C LYS A 455 -32.39 15.43 14.24
N PHE A 456 -33.04 14.97 13.17
CA PHE A 456 -32.48 13.98 12.28
C PHE A 456 -31.25 14.41 11.45
N VAL A 457 -31.36 15.50 10.70
CA VAL A 457 -30.22 15.98 9.91
C VAL A 457 -28.98 16.20 10.80
N PRO A 458 -29.15 16.80 11.99
CA PRO A 458 -27.98 17.01 12.85
C PRO A 458 -27.38 15.64 13.20
N TYR A 459 -28.24 14.63 13.26
CA TYR A 459 -27.82 13.27 13.55
C TYR A 459 -26.99 12.73 12.38
N LEU A 460 -27.39 13.06 11.16
CA LEU A 460 -26.66 12.60 9.97
C LEU A 460 -25.33 13.32 9.84
N ILE A 461 -25.32 14.60 10.21
CA ILE A 461 -24.12 15.43 10.15
C ILE A 461 -23.05 14.84 11.06
N ALA A 462 -23.44 14.52 12.29
CA ALA A 462 -22.51 13.95 13.24
C ALA A 462 -21.98 12.62 12.68
N GLY A 463 -22.88 11.83 12.11
CA GLY A 463 -22.50 10.54 11.55
C GLY A 463 -21.48 10.66 10.43
N ILE A 464 -21.72 11.59 9.50
CA ILE A 464 -20.79 11.79 8.39
C ILE A 464 -19.45 12.26 8.94
N GLN A 465 -19.49 13.17 9.92
CA GLN A 465 -18.27 13.69 10.53
C GLN A 465 -17.46 12.55 11.15
N HIS A 466 -18.14 11.58 11.76
CA HIS A 466 -17.43 10.44 12.35
C HIS A 466 -16.91 9.53 11.25
N GLY A 467 -17.64 9.48 10.14
CA GLY A 467 -17.22 8.67 9.02
C GLY A 467 -15.88 9.23 8.54
N CYS A 468 -15.81 10.55 8.38
CA CYS A 468 -14.58 11.19 7.91
C CYS A 468 -13.40 11.01 8.86
N GLN A 469 -13.67 11.12 10.15
CA GLN A 469 -12.64 10.97 11.15
C GLN A 469 -12.00 9.59 11.11
N ASP A 470 -12.84 8.55 11.02
CA ASP A 470 -12.32 7.19 10.96
C ASP A 470 -11.36 6.99 9.79
N ILE A 471 -11.60 7.66 8.66
CA ILE A 471 -10.66 7.51 7.55
C ILE A 471 -9.51 8.52 7.63
N GLY A 472 -9.59 9.44 8.58
CA GLY A 472 -8.54 10.43 8.74
C GLY A 472 -8.61 11.67 7.87
N ALA A 473 -9.82 12.06 7.47
CA ALA A 473 -10.00 13.24 6.63
C ALA A 473 -10.70 14.35 7.42
N ARG A 474 -10.19 15.57 7.31
CA ARG A 474 -10.76 16.71 8.02
C ARG A 474 -11.89 17.36 7.24
N SER A 475 -12.15 16.87 6.03
CA SER A 475 -13.25 17.39 5.23
C SER A 475 -13.64 16.42 4.11
N LEU A 476 -14.83 16.59 3.56
CA LEU A 476 -15.31 15.74 2.49
C LEU A 476 -14.46 15.95 1.23
N SER A 477 -13.87 17.14 1.12
CA SER A 477 -13.04 17.44 -0.03
C SER A 477 -11.74 16.64 0.08
N VAL A 478 -11.15 16.58 1.27
CA VAL A 478 -9.91 15.83 1.47
C VAL A 478 -10.19 14.36 1.13
N LEU A 479 -11.39 13.92 1.49
CA LEU A 479 -11.83 12.57 1.27
C LEU A 479 -11.79 12.14 -0.21
N ARG A 480 -12.53 12.87 -1.04
CA ARG A 480 -12.57 12.57 -2.46
C ARG A 480 -11.14 12.64 -2.99
N SER A 481 -10.36 13.53 -2.41
CA SER A 481 -8.98 13.71 -2.84
C SER A 481 -8.13 12.49 -2.51
N MET A 482 -8.31 11.94 -1.32
CA MET A 482 -7.57 10.75 -0.95
C MET A 482 -7.96 9.56 -1.87
N MET A 483 -9.20 9.53 -2.35
CA MET A 483 -9.61 8.43 -3.19
C MET A 483 -9.06 8.57 -4.61
N TYR A 484 -9.14 9.77 -5.18
CA TYR A 484 -8.62 9.97 -6.53
C TYR A 484 -7.10 9.75 -6.59
N SER A 485 -6.39 10.09 -5.52
CA SER A 485 -4.95 9.94 -5.51
C SER A 485 -4.48 8.52 -5.20
N GLY A 486 -5.43 7.63 -4.90
CA GLY A 486 -5.06 6.26 -4.61
C GLY A 486 -4.70 5.99 -3.16
N GLU A 487 -4.79 7.00 -2.31
CA GLU A 487 -4.49 6.81 -0.90
C GLU A 487 -5.60 6.05 -0.17
N LEU A 488 -6.85 6.39 -0.46
CA LEU A 488 -7.98 5.73 0.18
C LEU A 488 -8.09 4.28 -0.30
N LYS A 489 -8.23 3.36 0.64
CA LYS A 489 -8.32 1.94 0.31
C LYS A 489 -9.69 1.36 0.64
N PHE A 490 -10.15 0.44 -0.20
CA PHE A 490 -11.44 -0.18 0.02
C PHE A 490 -11.28 -1.69 0.05
N GLU A 491 -12.36 -2.38 0.37
CA GLU A 491 -12.33 -3.82 0.42
C GLU A 491 -13.68 -4.36 -0.05
N LYS A 492 -13.64 -5.22 -1.05
CA LYS A 492 -14.85 -5.83 -1.60
C LYS A 492 -15.37 -6.98 -0.74
N ARG A 493 -16.68 -7.08 -0.62
CA ARG A 493 -17.30 -8.16 0.15
C ARG A 493 -17.88 -9.24 -0.76
N THR A 494 -17.90 -10.48 -0.31
CA THR A 494 -18.46 -11.56 -1.12
C THR A 494 -19.97 -11.37 -1.09
N MET A 495 -20.66 -11.79 -2.14
CA MET A 495 -22.12 -11.64 -2.24
C MET A 495 -22.95 -12.38 -1.19
N SER A 496 -22.38 -12.57 -0.01
CA SER A 496 -23.08 -13.23 1.09
C SER A 496 -22.68 -12.60 2.41
N ALA A 497 -22.97 -11.30 2.53
CA ALA A 497 -22.66 -10.49 3.70
C ALA A 497 -22.55 -11.26 5.02
N GLN A 498 -21.48 -10.97 5.77
CA GLN A 498 -21.24 -11.60 7.06
C GLN A 498 -20.55 -10.61 8.01
N ILE A 499 -20.55 -9.34 7.63
CA ILE A 499 -19.93 -8.29 8.44
C ILE A 499 -20.94 -7.74 9.45
N THR B 10 9.15 4.76 4.85
CA THR B 10 7.98 4.31 5.66
C THR B 10 7.10 3.40 4.81
N GLY B 11 5.78 3.61 4.87
CA GLY B 11 4.87 2.80 4.09
C GLY B 11 4.30 3.59 2.92
N TYR B 12 3.64 2.89 2.01
CA TYR B 12 3.06 3.53 0.83
C TYR B 12 1.75 4.24 1.14
N VAL B 13 1.42 5.26 0.36
CA VAL B 13 0.17 5.99 0.56
C VAL B 13 -0.86 5.51 -0.48
N PRO B 14 -0.62 5.77 -1.78
CA PRO B 14 -1.56 5.34 -2.82
C PRO B 14 -1.38 3.85 -3.14
N GLU B 15 -1.41 3.51 -4.43
CA GLU B 15 -1.24 2.12 -4.86
C GLU B 15 0.21 1.84 -5.25
N ASP B 16 0.90 1.07 -4.42
CA ASP B 16 2.30 0.72 -4.64
C ASP B 16 2.45 -0.33 -5.75
N GLY B 17 3.25 -1.34 -5.46
CA GLY B 17 3.46 -2.41 -6.42
C GLY B 17 2.85 -3.69 -5.90
N LEU B 18 3.59 -4.78 -5.92
CA LEU B 18 3.09 -6.06 -5.45
C LEU B 18 3.91 -6.59 -4.29
N THR B 19 3.26 -7.29 -3.37
CA THR B 19 3.97 -7.89 -2.26
C THR B 19 4.56 -9.16 -2.85
N ALA B 20 5.50 -9.76 -2.13
CA ALA B 20 6.11 -11.00 -2.61
C ALA B 20 5.06 -12.11 -2.70
N GLN B 21 4.13 -12.19 -1.75
CA GLN B 21 3.17 -13.26 -1.83
C GLN B 21 2.19 -13.08 -2.98
N GLN B 22 2.13 -11.88 -3.55
CA GLN B 22 1.27 -11.66 -4.71
C GLN B 22 2.06 -12.00 -5.96
N LEU B 23 3.24 -11.39 -6.08
CA LEU B 23 4.10 -11.61 -7.23
C LEU B 23 4.40 -13.08 -7.48
N PHE B 24 4.82 -13.79 -6.45
CA PHE B 24 5.16 -15.19 -6.64
C PHE B 24 3.98 -16.13 -6.59
N ALA B 25 2.78 -15.59 -6.79
CA ALA B 25 1.57 -16.39 -6.79
C ALA B 25 0.79 -16.10 -8.06
N SER B 26 1.39 -15.35 -8.98
CA SER B 26 0.78 -15.06 -10.27
C SER B 26 0.56 -16.44 -10.90
N ALA B 27 1.18 -16.68 -12.04
CA ALA B 27 1.01 -17.98 -12.66
C ALA B 27 2.27 -18.42 -13.37
N ASP B 28 3.29 -17.57 -13.29
CA ASP B 28 4.56 -17.84 -13.93
C ASP B 28 5.71 -17.86 -12.95
N ASP B 29 6.68 -18.74 -13.19
CA ASP B 29 7.82 -18.75 -12.32
C ASP B 29 8.76 -17.68 -12.80
N LEU B 30 9.34 -16.99 -11.83
CA LEU B 30 10.20 -15.87 -12.12
C LEU B 30 11.71 -16.06 -12.01
N THR B 31 12.37 -15.25 -12.79
CA THR B 31 13.81 -15.21 -12.90
C THR B 31 14.23 -13.91 -12.19
N TYR B 32 15.49 -13.78 -11.83
CA TYR B 32 15.96 -12.56 -11.19
C TYR B 32 15.75 -11.32 -12.08
N ASN B 33 15.81 -11.49 -13.40
CA ASN B 33 15.62 -10.37 -14.31
C ASN B 33 14.15 -10.05 -14.58
N ASP B 34 13.22 -10.84 -14.05
CA ASP B 34 11.82 -10.60 -14.32
C ASP B 34 11.14 -9.55 -13.45
N PHE B 35 11.83 -9.03 -12.45
CA PHE B 35 11.20 -8.05 -11.58
C PHE B 35 12.23 -7.09 -10.97
N LEU B 36 11.72 -6.08 -10.27
CA LEU B 36 12.53 -5.06 -9.63
C LEU B 36 11.99 -4.89 -8.21
N ILE B 37 12.82 -4.38 -7.32
CA ILE B 37 12.38 -4.14 -5.95
C ILE B 37 12.14 -2.64 -5.88
N LEU B 38 11.01 -2.25 -5.30
CA LEU B 38 10.65 -0.84 -5.15
C LEU B 38 11.40 -0.24 -3.95
N PRO B 39 12.00 0.95 -4.14
CA PRO B 39 12.77 1.67 -3.11
C PRO B 39 11.91 2.16 -1.96
N GLY B 40 12.52 2.46 -0.81
CA GLY B 40 11.79 2.92 0.35
C GLY B 40 12.29 4.22 0.94
N PHE B 41 12.43 4.27 2.28
CA PHE B 41 12.88 5.48 2.98
C PHE B 41 14.28 5.30 3.58
N ILE B 42 15.16 6.26 3.31
CA ILE B 42 16.54 6.24 3.80
C ILE B 42 16.82 7.21 4.94
N ASP B 43 17.31 6.67 6.07
CA ASP B 43 17.66 7.50 7.22
C ASP B 43 18.97 7.02 7.86
N PHE B 44 19.84 6.45 7.03
CA PHE B 44 21.15 5.95 7.48
C PHE B 44 22.12 5.85 6.30
N ILE B 45 23.40 5.64 6.60
CA ILE B 45 24.41 5.52 5.56
C ILE B 45 24.63 4.06 5.18
N ALA B 46 25.03 3.82 3.93
CA ALA B 46 25.26 2.46 3.47
C ALA B 46 26.24 1.68 4.33
N ASP B 47 27.31 2.34 4.78
CA ASP B 47 28.31 1.68 5.62
C ASP B 47 27.76 1.20 6.96
N GLU B 48 26.52 1.57 7.27
CA GLU B 48 25.89 1.16 8.53
C GLU B 48 25.13 -0.16 8.39
N VAL B 49 24.95 -0.61 7.16
CA VAL B 49 24.23 -1.84 6.89
C VAL B 49 25.02 -3.07 7.30
N ASP B 50 24.37 -3.93 8.06
CA ASP B 50 24.95 -5.18 8.57
C ASP B 50 24.61 -6.35 7.62
N LEU B 51 25.62 -7.03 7.09
CA LEU B 51 25.41 -8.16 6.18
C LEU B 51 25.60 -9.54 6.81
N THR B 52 25.54 -9.61 8.14
CA THR B 52 25.70 -10.88 8.85
C THR B 52 24.69 -11.88 8.33
N SER B 53 25.13 -13.09 7.99
CA SER B 53 24.25 -14.10 7.42
C SER B 53 24.54 -15.51 7.90
N ALA B 54 23.49 -16.29 8.09
CA ALA B 54 23.64 -17.67 8.53
C ALA B 54 23.93 -18.57 7.33
N LEU B 55 25.01 -19.35 7.40
CA LEU B 55 25.37 -20.27 6.31
C LEU B 55 24.65 -21.59 6.53
N THR B 56 24.54 -21.96 7.80
CA THR B 56 23.86 -23.18 8.20
C THR B 56 23.33 -22.85 9.60
N ARG B 57 22.69 -23.81 10.24
CA ARG B 57 22.15 -23.61 11.58
C ARG B 57 23.18 -23.12 12.60
N LYS B 58 24.42 -23.59 12.52
CA LYS B 58 25.41 -23.16 13.49
C LYS B 58 26.59 -22.33 12.97
N ILE B 59 26.65 -22.09 11.67
CA ILE B 59 27.73 -21.30 11.11
C ILE B 59 27.24 -19.92 10.64
N THR B 60 27.84 -18.86 11.15
CA THR B 60 27.44 -17.52 10.75
C THR B 60 28.63 -16.80 10.15
N LEU B 61 28.39 -16.04 9.09
CA LEU B 61 29.44 -15.31 8.41
C LEU B 61 29.12 -13.82 8.43
N LYS B 62 30.14 -12.99 8.23
CA LYS B 62 29.93 -11.53 8.19
C LYS B 62 29.31 -11.10 6.86
N THR B 63 29.57 -11.87 5.80
CA THR B 63 28.99 -11.56 4.49
C THR B 63 28.20 -12.79 4.06
N PRO B 64 27.31 -12.65 3.08
CA PRO B 64 26.52 -13.80 2.64
C PRO B 64 27.09 -14.46 1.38
N LEU B 65 28.36 -14.22 1.08
CA LEU B 65 28.96 -14.75 -0.14
C LEU B 65 29.69 -16.08 0.02
N ILE B 66 29.37 -17.02 -0.85
CA ILE B 66 30.04 -18.31 -0.84
C ILE B 66 30.42 -18.76 -2.25
N SER B 67 31.66 -19.23 -2.42
CA SER B 67 32.15 -19.66 -3.71
C SER B 67 31.72 -21.10 -4.03
N SER B 68 31.43 -21.35 -5.30
CA SER B 68 30.98 -22.65 -5.72
C SER B 68 32.04 -23.75 -5.83
N PRO B 69 31.64 -25.00 -5.54
CA PRO B 69 32.51 -26.19 -5.59
C PRO B 69 32.77 -26.67 -7.03
N MET B 70 33.28 -25.78 -7.88
CA MET B 70 33.60 -26.12 -9.27
C MET B 70 35.12 -26.10 -9.44
N ASP B 71 35.66 -27.00 -10.26
CA ASP B 71 37.10 -27.08 -10.45
C ASP B 71 37.69 -25.86 -11.11
N THR B 72 36.85 -24.98 -11.64
CA THR B 72 37.33 -23.76 -12.27
C THR B 72 37.11 -22.59 -11.34
N VAL B 73 36.70 -22.88 -10.11
CA VAL B 73 36.41 -21.82 -9.15
C VAL B 73 37.02 -21.91 -7.76
N THR B 74 36.84 -23.03 -7.07
CA THR B 74 37.31 -23.11 -5.70
C THR B 74 38.28 -24.21 -5.29
N GLU B 75 39.48 -23.77 -4.89
CA GLU B 75 40.50 -24.65 -4.35
C GLU B 75 41.07 -23.89 -3.16
N ALA B 76 42.18 -24.35 -2.59
CA ALA B 76 42.76 -23.68 -1.43
C ALA B 76 42.80 -22.17 -1.57
N ASP B 77 43.35 -21.69 -2.69
CA ASP B 77 43.47 -20.28 -2.98
C ASP B 77 42.18 -19.49 -2.70
N MET B 78 41.14 -19.83 -3.47
CA MET B 78 39.82 -19.21 -3.37
C MET B 78 39.25 -19.28 -1.94
N ALA B 79 39.25 -20.48 -1.37
CA ALA B 79 38.70 -20.69 -0.03
C ALA B 79 39.33 -19.78 1.01
N ILE B 80 40.65 -19.64 0.99
CA ILE B 80 41.33 -18.78 1.94
C ILE B 80 40.89 -17.33 1.72
N ALA B 81 41.01 -16.85 0.49
CA ALA B 81 40.64 -15.48 0.16
C ALA B 81 39.19 -15.23 0.55
N MET B 82 38.31 -16.12 0.11
CA MET B 82 36.88 -16.05 0.41
C MET B 82 36.63 -15.95 1.92
N ALA B 83 37.37 -16.74 2.70
CA ALA B 83 37.21 -16.74 4.17
C ALA B 83 37.76 -15.47 4.84
N LEU B 84 38.82 -14.91 4.29
CA LEU B 84 39.42 -13.72 4.86
C LEU B 84 38.55 -12.50 4.65
N MET B 85 37.75 -12.50 3.59
CA MET B 85 36.90 -11.35 3.33
C MET B 85 35.46 -11.45 3.87
N GLY B 86 35.20 -12.43 4.73
CA GLY B 86 33.87 -12.56 5.30
C GLY B 86 32.97 -13.66 4.78
N GLY B 87 33.43 -14.39 3.78
CA GLY B 87 32.62 -15.46 3.21
C GLY B 87 33.19 -16.83 3.48
N ILE B 88 33.01 -17.73 2.54
CA ILE B 88 33.53 -19.07 2.67
C ILE B 88 33.52 -19.72 1.29
N GLY B 89 34.43 -20.67 1.09
CA GLY B 89 34.51 -21.38 -0.17
C GLY B 89 34.35 -22.87 0.05
N PHE B 90 33.81 -23.57 -0.94
CA PHE B 90 33.66 -25.03 -0.84
C PHE B 90 34.60 -25.66 -1.88
N ILE B 91 35.54 -26.48 -1.40
CA ILE B 91 36.50 -27.14 -2.29
C ILE B 91 35.83 -28.20 -3.16
N HIS B 92 35.99 -28.07 -4.48
CA HIS B 92 35.39 -29.03 -5.40
C HIS B 92 35.97 -30.43 -5.17
N HIS B 93 35.26 -31.44 -5.65
CA HIS B 93 35.69 -32.82 -5.48
C HIS B 93 36.07 -33.50 -6.79
N ASN B 94 36.44 -32.72 -7.80
CA ASN B 94 36.85 -33.29 -9.08
C ASN B 94 38.36 -33.56 -8.96
N CYS B 95 38.69 -34.45 -8.03
CA CYS B 95 40.07 -34.80 -7.76
C CYS B 95 40.04 -36.00 -6.83
N THR B 96 41.21 -36.48 -6.42
CA THR B 96 41.26 -37.63 -5.53
C THR B 96 40.93 -37.21 -4.10
N PRO B 97 40.46 -38.16 -3.28
CA PRO B 97 40.12 -37.84 -1.89
C PRO B 97 41.30 -37.20 -1.16
N GLU B 98 42.51 -37.70 -1.43
CA GLU B 98 43.72 -37.18 -0.80
C GLU B 98 44.01 -35.74 -1.21
N PHE B 99 43.87 -35.46 -2.51
CA PHE B 99 44.10 -34.12 -3.02
C PHE B 99 43.14 -33.13 -2.36
N GLN B 100 41.85 -33.45 -2.41
CA GLN B 100 40.85 -32.57 -1.82
C GLN B 100 41.08 -32.34 -0.33
N ALA B 101 41.41 -33.41 0.39
CA ALA B 101 41.64 -33.32 1.82
C ALA B 101 42.84 -32.41 2.09
N ASN B 102 43.82 -32.49 1.22
CA ASN B 102 45.02 -31.69 1.32
C ASN B 102 44.74 -30.20 1.12
N GLU B 103 43.78 -29.88 0.26
CA GLU B 103 43.44 -28.48 0.01
C GLU B 103 42.80 -27.89 1.26
N VAL B 104 41.94 -28.67 1.90
CA VAL B 104 41.26 -28.24 3.09
C VAL B 104 42.32 -27.91 4.14
N ARG B 105 43.24 -28.85 4.32
CA ARG B 105 44.35 -28.72 5.26
C ARG B 105 45.04 -27.36 5.10
N LYS B 106 45.37 -27.00 3.86
CA LYS B 106 46.02 -25.71 3.60
C LYS B 106 45.17 -24.55 4.08
N VAL B 107 43.85 -24.66 3.90
CA VAL B 107 42.94 -23.59 4.32
C VAL B 107 42.89 -23.46 5.83
N LYS B 108 42.81 -24.61 6.52
CA LYS B 108 42.73 -24.63 7.99
C LYS B 108 44.05 -24.26 8.70
N ASN B 109 45.18 -24.42 8.03
CA ASN B 109 46.47 -24.09 8.63
C ASN B 109 46.97 -22.69 8.30
N PHE B 110 46.21 -21.97 7.48
CA PHE B 110 46.63 -20.62 7.09
C PHE B 110 46.71 -19.64 8.25
N GLU B 111 47.66 -18.72 8.13
CA GLU B 111 47.88 -17.64 9.09
C GLU B 111 48.85 -16.71 8.38
N GLN B 112 48.46 -15.45 8.19
CA GLN B 112 49.35 -14.54 7.48
C GLN B 112 50.70 -14.38 8.13
N GLY B 113 51.73 -14.24 7.29
CA GLY B 113 53.08 -14.11 7.79
C GLY B 113 53.79 -15.44 7.77
N PHE B 114 53.03 -16.51 7.52
CA PHE B 114 53.60 -17.86 7.49
C PHE B 114 53.45 -18.47 6.10
N ILE B 115 54.45 -19.22 5.68
CA ILE B 115 54.40 -19.87 4.38
C ILE B 115 53.46 -21.05 4.46
N THR B 116 52.52 -21.11 3.53
CA THR B 116 51.55 -22.20 3.48
C THR B 116 52.22 -23.57 3.47
N ASP B 117 53.08 -23.80 2.48
CA ASP B 117 53.80 -25.07 2.35
C ASP B 117 55.25 -24.88 1.92
N PRO B 118 56.19 -24.98 2.88
CA PRO B 118 57.63 -24.82 2.65
C PRO B 118 58.30 -26.15 2.28
N VAL B 119 59.01 -26.18 1.16
CA VAL B 119 59.69 -27.39 0.74
C VAL B 119 60.81 -27.69 1.74
N VAL B 120 60.73 -28.83 2.40
CA VAL B 120 61.73 -29.21 3.40
C VAL B 120 62.63 -30.38 3.01
N LEU B 121 63.93 -30.19 3.23
CA LEU B 121 64.93 -31.22 2.95
C LEU B 121 64.87 -31.71 1.49
N SER B 122 65.71 -32.70 1.17
CA SER B 122 65.77 -33.28 -0.17
C SER B 122 66.84 -34.36 -0.41
N PRO B 123 67.90 -34.41 0.42
CA PRO B 123 68.95 -35.41 0.23
C PRO B 123 68.43 -36.79 -0.20
N GLY B 141 65.86 -20.20 0.71
CA GLY B 141 65.25 -21.38 0.01
C GLY B 141 64.78 -22.45 1.01
N ILE B 142 64.70 -23.70 0.55
CA ILE B 142 64.25 -24.82 1.37
C ILE B 142 65.09 -25.07 2.61
N PRO B 143 64.60 -25.94 3.49
CA PRO B 143 65.29 -26.27 4.74
C PRO B 143 65.91 -27.67 4.75
N ILE B 144 66.56 -28.02 5.87
CA ILE B 144 67.22 -29.32 6.01
C ILE B 144 66.89 -30.00 7.34
N THR B 145 66.35 -31.22 7.26
CA THR B 145 65.95 -32.03 8.41
C THR B 145 64.46 -31.82 8.66
N GLU B 146 63.63 -32.57 7.94
CA GLU B 146 62.18 -32.48 8.05
C GLU B 146 61.64 -32.79 9.44
N VAL B 155 69.81 -30.34 11.06
CA VAL B 155 69.39 -28.97 10.80
C VAL B 155 70.39 -28.25 9.89
N GLY B 156 69.86 -27.50 8.94
CA GLY B 156 70.69 -26.77 8.00
C GLY B 156 69.83 -26.15 6.92
N ILE B 157 70.44 -25.58 5.89
CA ILE B 157 69.67 -24.95 4.83
C ILE B 157 70.36 -24.94 3.47
N VAL B 158 69.55 -25.03 2.42
CA VAL B 158 70.04 -25.01 1.04
C VAL B 158 69.45 -23.79 0.35
N THR B 159 70.30 -23.03 -0.34
CA THR B 159 69.87 -21.84 -1.06
C THR B 159 70.60 -21.74 -2.40
N SER B 160 70.05 -20.93 -3.32
CA SER B 160 70.62 -20.76 -4.64
C SER B 160 72.14 -20.57 -4.64
N ARG B 161 72.68 -20.06 -3.54
CA ARG B 161 74.11 -19.86 -3.43
C ARG B 161 74.81 -21.19 -3.22
N ASP B 162 74.53 -21.83 -2.09
CA ASP B 162 75.11 -23.12 -1.73
C ASP B 162 74.98 -24.14 -2.85
N ILE B 163 74.18 -23.84 -3.86
CA ILE B 163 73.96 -24.77 -4.97
C ILE B 163 74.63 -24.34 -6.28
N ASP B 164 74.87 -23.05 -6.44
CA ASP B 164 75.51 -22.56 -7.67
C ASP B 164 76.83 -21.85 -7.41
N PRO B 181 77.68 -29.69 1.93
CA PRO B 181 76.97 -29.12 0.75
C PRO B 181 76.12 -27.89 1.12
N ARG B 182 75.40 -27.99 2.24
CA ARG B 182 74.56 -26.89 2.71
C ARG B 182 75.21 -26.20 3.90
N ILE B 183 74.51 -25.24 4.50
CA ILE B 183 75.05 -24.52 5.64
C ILE B 183 74.22 -24.68 6.91
N GLU B 184 74.50 -23.85 7.90
CA GLU B 184 73.78 -23.89 9.18
C GLU B 184 73.34 -22.45 9.50
N LEU B 185 72.15 -22.09 9.03
CA LEU B 185 71.61 -20.74 9.22
C LEU B 185 70.80 -20.52 10.49
N VAL B 186 70.59 -19.26 10.83
CA VAL B 186 69.85 -18.86 12.03
C VAL B 186 68.38 -19.26 12.03
N VAL B 187 67.76 -19.15 13.20
CA VAL B 187 66.35 -19.50 13.38
C VAL B 187 65.72 -18.68 14.51
N ALA B 188 64.46 -18.99 14.82
CA ALA B 188 63.74 -18.30 15.88
C ALA B 188 62.94 -19.27 16.73
N PRO B 189 62.71 -18.91 18.01
CA PRO B 189 61.95 -19.74 18.96
C PRO B 189 60.45 -19.65 18.69
N ALA B 190 59.75 -20.78 18.83
CA ALA B 190 58.31 -20.78 18.62
C ALA B 190 57.71 -19.68 19.49
N GLY B 191 56.53 -19.20 19.11
CA GLY B 191 55.89 -18.14 19.87
C GLY B 191 56.34 -16.80 19.32
N VAL B 192 57.35 -16.85 18.45
CA VAL B 192 57.89 -15.65 17.83
C VAL B 192 56.80 -14.86 17.11
N THR B 193 56.46 -13.70 17.66
CA THR B 193 55.43 -12.86 17.06
C THR B 193 55.91 -12.32 15.72
N LEU B 194 55.02 -11.64 14.99
CA LEU B 194 55.36 -11.08 13.69
C LEU B 194 56.31 -9.88 13.84
N LYS B 195 56.46 -9.40 15.07
CA LYS B 195 57.34 -8.27 15.34
C LYS B 195 58.78 -8.78 15.47
N GLU B 196 58.94 -9.92 16.12
CA GLU B 196 60.25 -10.53 16.29
C GLU B 196 60.67 -11.20 14.99
N ALA B 197 59.70 -11.44 14.12
CA ALA B 197 59.96 -12.05 12.84
C ALA B 197 60.87 -11.13 12.04
N ASN B 198 60.40 -9.90 11.82
CA ASN B 198 61.17 -8.92 11.08
C ASN B 198 62.31 -8.40 11.96
N GLU B 199 62.11 -8.48 13.28
CA GLU B 199 63.11 -8.04 14.24
C GLU B 199 64.40 -8.83 14.01
N ILE B 200 64.25 -10.07 13.59
CA ILE B 200 65.39 -10.94 13.33
C ILE B 200 65.73 -10.97 11.84
N LEU B 201 64.70 -11.01 11.00
CA LEU B 201 64.90 -11.06 9.56
C LEU B 201 65.62 -9.84 9.02
N GLN B 202 65.06 -8.65 9.25
CA GLN B 202 65.67 -7.42 8.76
C GLN B 202 67.06 -7.21 9.36
N ARG B 203 67.31 -7.83 10.50
CA ARG B 203 68.60 -7.72 11.17
C ARG B 203 69.58 -8.68 10.51
N SER B 204 69.05 -9.79 9.98
CA SER B 204 69.86 -10.81 9.31
C SER B 204 69.85 -10.59 7.80
N LYS B 205 69.03 -9.64 7.35
CA LYS B 205 68.93 -9.32 5.93
C LYS B 205 68.51 -10.55 5.13
N LYS B 206 67.39 -11.15 5.51
CA LYS B 206 66.87 -12.34 4.84
C LYS B 206 65.37 -12.22 4.57
N GLY B 207 64.82 -13.22 3.89
CA GLY B 207 63.41 -13.21 3.56
C GLY B 207 62.62 -14.27 4.31
N LYS B 208 63.18 -15.48 4.42
CA LYS B 208 62.54 -16.59 5.12
C LYS B 208 63.12 -16.73 6.53
N LEU B 209 62.33 -17.26 7.45
CA LEU B 209 62.79 -17.42 8.82
C LEU B 209 62.38 -18.77 9.39
N PRO B 210 63.31 -19.74 9.43
CA PRO B 210 63.02 -21.07 9.96
C PRO B 210 62.70 -20.97 11.46
N ILE B 211 61.53 -21.46 11.84
CA ILE B 211 61.11 -21.41 13.25
C ILE B 211 61.38 -22.74 13.96
N VAL B 212 62.24 -22.69 14.96
CA VAL B 212 62.59 -23.88 15.74
C VAL B 212 61.74 -24.02 16.99
N ASN B 213 60.75 -24.91 16.93
CA ASN B 213 59.86 -25.13 18.06
C ASN B 213 60.51 -26.09 19.06
N ASP B 214 60.35 -27.38 18.82
CA ASP B 214 60.90 -28.40 19.71
C ASP B 214 61.82 -29.38 18.98
N CYS B 215 61.22 -30.39 18.34
CA CYS B 215 61.99 -31.41 17.63
C CYS B 215 62.17 -31.11 16.14
N ASP B 216 61.11 -30.67 15.49
CA ASP B 216 61.16 -30.37 14.06
C ASP B 216 61.00 -28.88 13.77
N GLU B 217 60.79 -28.57 12.49
CA GLU B 217 60.60 -27.19 12.06
C GLU B 217 59.16 -26.95 11.66
N LEU B 218 58.45 -26.19 12.49
CA LEU B 218 57.05 -25.87 12.23
C LEU B 218 56.93 -25.13 10.90
N VAL B 219 57.37 -23.86 10.86
CA VAL B 219 57.30 -23.07 9.64
C VAL B 219 58.41 -22.02 9.55
N ARG B 224 56.52 -16.67 6.48
CA ARG B 224 57.87 -16.25 6.95
C ARG B 224 58.51 -15.37 5.89
N THR B 225 58.08 -14.11 5.84
CA THR B 225 58.62 -13.17 4.86
C THR B 225 58.39 -11.75 5.36
N ASP B 226 57.69 -10.95 4.57
CA ASP B 226 57.40 -9.58 4.95
C ASP B 226 55.98 -9.44 5.46
N LEU B 227 55.70 -8.27 6.03
CA LEU B 227 54.40 -7.95 6.59
C LEU B 227 54.49 -6.51 7.07
N LYS B 228 55.19 -5.69 6.29
CA LYS B 228 55.40 -4.29 6.62
C LYS B 228 54.23 -3.37 6.28
N LYS B 229 53.09 -3.95 5.91
CA LYS B 229 51.91 -3.17 5.57
C LYS B 229 50.72 -4.06 5.23
N ASN B 230 50.55 -5.11 6.04
CA ASN B 230 49.46 -6.06 5.84
C ASN B 230 48.12 -5.55 6.38
N ARG B 231 47.09 -6.39 6.24
CA ARG B 231 45.75 -6.09 6.70
C ARG B 231 45.36 -7.03 7.85
N ASP B 232 44.38 -6.63 8.66
CA ASP B 232 43.98 -7.47 9.78
C ASP B 232 42.62 -8.15 9.62
N TYR B 233 42.13 -8.21 8.39
CA TYR B 233 40.84 -8.84 8.04
C TYR B 233 39.83 -8.91 9.16
N PRO B 234 39.05 -7.83 9.34
CA PRO B 234 38.01 -7.69 10.38
C PRO B 234 36.82 -8.61 10.18
N LEU B 235 36.56 -9.00 8.94
CA LEU B 235 35.41 -9.85 8.62
C LEU B 235 35.71 -11.35 8.52
N ALA B 236 36.97 -11.70 8.65
CA ALA B 236 37.42 -13.10 8.54
C ALA B 236 36.52 -14.15 9.17
N SER B 237 36.23 -15.20 8.40
CA SER B 237 35.39 -16.29 8.88
C SER B 237 36.29 -17.32 9.55
N LYS B 238 36.16 -17.46 10.87
CA LYS B 238 36.98 -18.38 11.61
C LYS B 238 36.18 -19.27 12.55
N ASP B 239 36.72 -20.43 12.86
CA ASP B 239 36.05 -21.36 13.76
C ASP B 239 36.41 -21.01 15.20
N SER B 240 35.90 -21.82 16.14
CA SER B 240 36.13 -21.63 17.57
C SER B 240 37.62 -21.63 17.93
N GLN B 241 38.46 -22.23 17.08
CA GLN B 241 39.89 -22.29 17.36
C GLN B 241 40.68 -21.21 16.63
N LYS B 242 39.99 -20.26 16.02
CA LYS B 242 40.62 -19.17 15.30
C LYS B 242 41.19 -19.56 13.94
N GLN B 243 40.76 -20.71 13.41
CA GLN B 243 41.22 -21.17 12.10
C GLN B 243 40.19 -20.72 11.06
N LEU B 244 40.63 -20.46 9.84
CA LEU B 244 39.69 -20.07 8.79
C LEU B 244 38.72 -21.22 8.53
N LEU B 245 37.47 -20.89 8.24
CA LEU B 245 36.45 -21.88 7.96
C LEU B 245 36.60 -22.39 6.55
N CYS B 246 36.26 -23.66 6.35
CA CYS B 246 36.37 -24.27 5.04
C CYS B 246 35.22 -25.25 4.76
N GLY B 247 34.81 -25.28 3.50
CA GLY B 247 33.74 -26.17 3.09
C GLY B 247 34.25 -27.09 2.01
N ALA B 248 33.54 -28.20 1.78
CA ALA B 248 33.95 -29.16 0.76
C ALA B 248 32.75 -29.95 0.24
N ALA B 249 32.76 -30.26 -1.04
CA ALA B 249 31.70 -31.02 -1.65
C ALA B 249 32.01 -32.51 -1.74
N VAL B 250 30.96 -33.33 -1.64
CA VAL B 250 31.11 -34.79 -1.75
C VAL B 250 29.84 -35.38 -2.38
N GLY B 251 29.99 -36.56 -2.98
CA GLY B 251 28.86 -37.23 -3.59
C GLY B 251 28.10 -37.96 -2.51
N THR B 252 27.22 -38.87 -2.89
CA THR B 252 26.42 -39.61 -1.92
C THR B 252 26.43 -41.13 -2.12
N ARG B 253 27.50 -41.63 -2.73
CA ARG B 253 27.66 -43.05 -2.95
C ARG B 253 28.51 -43.59 -1.80
N GLU B 254 28.39 -44.88 -1.52
CA GLU B 254 29.17 -45.50 -0.44
C GLU B 254 30.64 -45.13 -0.59
N ASP B 255 31.14 -45.15 -1.82
CA ASP B 255 32.53 -44.80 -2.10
C ASP B 255 32.91 -43.45 -1.51
N ASP B 256 31.92 -42.57 -1.39
CA ASP B 256 32.17 -41.23 -0.86
C ASP B 256 32.42 -41.19 0.64
N LYS B 257 32.13 -42.29 1.32
CA LYS B 257 32.36 -42.34 2.76
C LYS B 257 33.84 -42.24 3.12
N TYR B 258 34.71 -42.76 2.24
CA TYR B 258 36.14 -42.69 2.47
C TYR B 258 36.61 -41.24 2.31
N ARG B 259 36.07 -40.54 1.31
CA ARG B 259 36.41 -39.14 1.06
C ARG B 259 35.96 -38.27 2.23
N LEU B 260 34.74 -38.54 2.72
CA LEU B 260 34.19 -37.77 3.82
C LEU B 260 35.11 -37.88 5.03
N ASP B 261 35.63 -39.09 5.25
CA ASP B 261 36.51 -39.36 6.37
C ASP B 261 37.78 -38.50 6.31
N LEU B 262 38.38 -38.40 5.13
CA LEU B 262 39.60 -37.61 4.98
C LEU B 262 39.32 -36.12 5.22
N LEU B 263 38.23 -35.63 4.65
CA LEU B 263 37.87 -34.22 4.79
C LEU B 263 37.63 -33.88 6.27
N THR B 264 36.97 -34.79 6.98
CA THR B 264 36.71 -34.56 8.39
C THR B 264 37.98 -34.59 9.22
N GLN B 265 38.92 -35.49 8.88
CA GLN B 265 40.18 -35.55 9.61
C GLN B 265 40.95 -34.27 9.29
N ALA B 266 40.79 -33.77 8.08
CA ALA B 266 41.47 -32.54 7.68
C ALA B 266 40.85 -31.32 8.39
N GLY B 267 39.75 -31.54 9.12
CA GLY B 267 39.13 -30.44 9.84
C GLY B 267 38.13 -29.58 9.09
N VAL B 268 37.41 -30.17 8.14
CA VAL B 268 36.45 -29.39 7.37
C VAL B 268 35.29 -28.99 8.30
N ASP B 269 34.73 -27.81 8.09
CA ASP B 269 33.64 -27.34 8.93
C ASP B 269 32.25 -27.62 8.33
N VAL B 270 32.14 -27.52 7.02
CA VAL B 270 30.87 -27.76 6.34
C VAL B 270 31.04 -28.71 5.15
N ILE B 271 30.04 -29.55 4.94
CA ILE B 271 30.04 -30.50 3.84
C ILE B 271 28.76 -30.32 3.02
N VAL B 272 28.90 -30.16 1.70
CA VAL B 272 27.75 -30.01 0.84
C VAL B 272 27.63 -31.25 -0.03
N LEU B 273 26.44 -31.86 -0.02
CA LEU B 273 26.20 -33.06 -0.83
C LEU B 273 25.85 -32.59 -2.23
N ASP B 274 26.84 -32.65 -3.11
CA ASP B 274 26.76 -32.21 -4.50
C ASP B 274 25.86 -33.09 -5.37
N SER B 275 24.73 -32.53 -5.80
CA SER B 275 23.79 -33.27 -6.64
C SER B 275 22.85 -32.36 -7.42
N SER B 276 22.44 -32.80 -8.59
CA SER B 276 21.53 -32.00 -9.39
C SER B 276 20.10 -32.14 -8.88
N GLN B 277 19.84 -33.20 -8.13
CA GLN B 277 18.50 -33.44 -7.58
C GLN B 277 18.66 -34.20 -6.24
N GLY B 278 18.79 -33.44 -5.16
CA GLY B 278 19.01 -34.01 -3.84
C GLY B 278 17.92 -34.74 -3.07
N ASN B 279 16.70 -34.72 -3.58
CA ASN B 279 15.62 -35.40 -2.89
C ASN B 279 15.64 -36.89 -3.25
N SER B 280 16.60 -37.61 -2.68
CA SER B 280 16.71 -39.05 -2.94
C SER B 280 17.03 -39.85 -1.68
N VAL B 281 16.67 -41.12 -1.69
CA VAL B 281 16.93 -41.99 -0.55
C VAL B 281 18.44 -42.08 -0.31
N TYR B 282 19.22 -41.95 -1.38
CA TYR B 282 20.67 -42.01 -1.27
C TYR B 282 21.20 -40.86 -0.44
N GLN B 283 20.79 -39.64 -0.80
CA GLN B 283 21.25 -38.47 -0.09
C GLN B 283 20.72 -38.43 1.34
N ILE B 284 19.46 -38.80 1.51
CA ILE B 284 18.83 -38.84 2.81
C ILE B 284 19.62 -39.77 3.74
N ALA B 285 19.95 -40.96 3.23
CA ALA B 285 20.68 -41.92 4.04
C ALA B 285 22.08 -41.40 4.36
N MET B 286 22.68 -40.68 3.41
CA MET B 286 24.00 -40.10 3.63
C MET B 286 23.93 -39.01 4.70
N VAL B 287 22.83 -38.25 4.71
CA VAL B 287 22.67 -37.20 5.71
C VAL B 287 22.52 -37.84 7.08
N HIS B 288 21.72 -38.90 7.17
CA HIS B 288 21.51 -39.63 8.43
C HIS B 288 22.87 -40.10 8.98
N TYR B 289 23.65 -40.72 8.09
CA TYR B 289 24.96 -41.25 8.42
C TYR B 289 25.89 -40.20 9.01
N ILE B 290 26.11 -39.12 8.25
CA ILE B 290 26.97 -38.05 8.72
C ILE B 290 26.52 -37.47 10.05
N LYS B 291 25.23 -37.16 10.14
CA LYS B 291 24.66 -36.60 11.36
C LYS B 291 24.96 -37.51 12.55
N GLN B 292 25.06 -38.81 12.26
CA GLN B 292 25.34 -39.81 13.28
C GLN B 292 26.82 -39.98 13.60
N LYS B 293 27.65 -40.13 12.58
CA LYS B 293 29.08 -40.35 12.76
C LYS B 293 29.95 -39.10 12.96
N TYR B 294 29.49 -37.94 12.48
CA TYR B 294 30.25 -36.69 12.61
C TYR B 294 29.38 -35.56 13.16
N PRO B 295 28.97 -35.66 14.43
CA PRO B 295 28.12 -34.68 15.14
C PRO B 295 28.55 -33.23 15.04
N HIS B 296 29.85 -32.99 14.87
CA HIS B 296 30.36 -31.63 14.79
C HIS B 296 30.47 -31.09 13.38
N LEU B 297 29.98 -31.85 12.41
CA LEU B 297 30.05 -31.44 11.01
C LEU B 297 28.69 -30.92 10.53
N GLN B 298 28.67 -29.75 9.91
CA GLN B 298 27.42 -29.20 9.39
C GLN B 298 27.18 -29.77 7.98
N VAL B 299 25.93 -30.10 7.66
CA VAL B 299 25.61 -30.67 6.37
C VAL B 299 24.58 -29.86 5.56
N ILE B 300 24.97 -29.50 4.33
CA ILE B 300 24.10 -28.76 3.43
C ILE B 300 23.56 -29.79 2.47
N GLY B 301 22.24 -29.80 2.30
CA GLY B 301 21.61 -30.79 1.42
C GLY B 301 21.46 -30.50 -0.06
N GLY B 302 21.70 -31.55 -0.86
CA GLY B 302 21.64 -31.54 -2.33
C GLY B 302 20.64 -30.57 -2.89
N ASN B 303 20.89 -30.12 -4.12
CA ASN B 303 20.02 -29.13 -4.74
C ASN B 303 18.58 -29.54 -4.87
N VAL B 304 17.70 -28.62 -4.50
CA VAL B 304 16.25 -28.84 -4.57
C VAL B 304 15.69 -27.53 -5.05
N VAL B 305 14.44 -27.55 -5.49
CA VAL B 305 13.78 -26.33 -5.95
C VAL B 305 12.32 -26.27 -5.55
N THR B 306 11.85 -27.25 -4.78
CA THR B 306 10.48 -27.25 -4.32
C THR B 306 10.46 -27.54 -2.83
N ALA B 307 9.41 -27.09 -2.16
CA ALA B 307 9.26 -27.31 -0.73
C ALA B 307 9.15 -28.80 -0.38
N ALA B 308 8.48 -29.56 -1.25
CA ALA B 308 8.33 -31.00 -1.03
C ALA B 308 9.70 -31.70 -0.97
N GLN B 309 10.64 -31.27 -1.81
CA GLN B 309 11.97 -31.88 -1.79
C GLN B 309 12.63 -31.46 -0.48
N ALA B 310 12.46 -30.18 -0.13
CA ALA B 310 13.07 -29.64 1.08
C ALA B 310 12.62 -30.39 2.32
N LYS B 311 11.35 -30.76 2.35
CA LYS B 311 10.80 -31.46 3.50
C LYS B 311 11.58 -32.74 3.88
N ASN B 312 11.87 -33.60 2.91
CA ASN B 312 12.58 -34.85 3.18
C ASN B 312 13.99 -34.66 3.74
N LEU B 313 14.72 -33.71 3.18
CA LEU B 313 16.08 -33.43 3.61
C LEU B 313 16.11 -32.75 4.98
N ILE B 314 15.06 -31.99 5.30
CA ILE B 314 15.00 -31.33 6.59
C ILE B 314 14.64 -32.36 7.66
N ASP B 315 13.72 -33.28 7.34
CA ASP B 315 13.34 -34.33 8.29
C ASP B 315 14.58 -35.18 8.54
N ALA B 316 15.43 -35.32 7.52
CA ALA B 316 16.65 -36.11 7.64
C ALA B 316 17.70 -35.43 8.51
N GLY B 317 17.55 -34.12 8.71
CA GLY B 317 18.50 -33.40 9.54
C GLY B 317 19.53 -32.50 8.89
N VAL B 318 19.29 -32.00 7.66
CA VAL B 318 20.26 -31.12 7.05
C VAL B 318 20.34 -29.80 7.84
N ASP B 319 21.49 -29.15 7.78
CA ASP B 319 21.68 -27.90 8.50
C ASP B 319 21.48 -26.70 7.57
N GLY B 320 21.31 -26.99 6.28
CA GLY B 320 21.12 -25.96 5.26
C GLY B 320 20.72 -26.59 3.93
N LEU B 321 20.14 -25.80 3.04
CA LEU B 321 19.72 -26.29 1.72
C LEU B 321 20.33 -25.46 0.58
N ARG B 322 20.83 -26.16 -0.43
CA ARG B 322 21.39 -25.51 -1.60
C ARG B 322 20.26 -25.52 -2.64
N VAL B 323 19.85 -24.33 -3.06
CA VAL B 323 18.73 -24.20 -4.00
C VAL B 323 19.09 -23.74 -5.40
N GLY B 324 18.60 -24.50 -6.38
CA GLY B 324 18.87 -24.20 -7.77
C GLY B 324 18.90 -25.44 -8.64
N MET B 325 18.35 -25.32 -9.84
CA MET B 325 18.31 -26.40 -10.81
C MET B 325 17.87 -25.81 -12.16
N GLY B 326 18.76 -25.84 -13.13
CA GLY B 326 18.42 -25.28 -14.42
C GLY B 326 19.13 -23.97 -14.66
N CYS B 327 19.40 -23.24 -13.59
CA CYS B 327 20.11 -21.98 -13.70
C CYS B 327 21.58 -22.32 -13.50
N GLY B 328 22.45 -21.32 -13.50
CA GLY B 328 23.85 -21.62 -13.31
C GLY B 328 24.54 -22.35 -14.46
N SER B 329 25.86 -22.38 -14.43
CA SER B 329 26.67 -23.02 -15.45
C SER B 329 26.24 -24.44 -15.80
N ILE B 330 26.76 -24.95 -16.91
CA ILE B 330 26.43 -26.30 -17.34
C ILE B 330 27.68 -27.13 -17.68
N CYS B 331 27.52 -28.44 -17.66
CA CYS B 331 28.61 -29.36 -17.97
C CYS B 331 28.02 -30.47 -18.85
N ILE B 332 28.81 -30.97 -19.79
CA ILE B 332 28.32 -32.04 -20.65
C ILE B 332 28.10 -33.28 -19.80
N THR B 333 28.84 -33.38 -18.70
CA THR B 333 28.75 -34.50 -17.76
C THR B 333 27.41 -34.46 -17.03
N GLN B 334 26.61 -33.44 -17.33
CA GLN B 334 25.29 -33.25 -16.74
C GLN B 334 24.54 -32.07 -17.34
N GLU B 335 23.87 -32.31 -18.47
CA GLU B 335 23.10 -31.28 -19.14
C GLU B 335 21.72 -31.19 -18.49
N VAL B 336 21.04 -30.07 -18.70
CA VAL B 336 19.70 -29.88 -18.14
C VAL B 336 18.67 -30.53 -19.06
N MET B 337 17.70 -31.20 -18.47
CA MET B 337 16.68 -31.87 -19.25
C MET B 337 15.33 -31.17 -19.15
N ALA B 338 14.30 -31.90 -18.75
CA ALA B 338 12.98 -31.29 -18.65
C ALA B 338 12.73 -30.65 -17.27
N CYS B 339 13.44 -31.13 -16.25
CA CYS B 339 13.27 -30.63 -14.89
C CYS B 339 14.12 -29.44 -14.46
N GLY B 340 13.49 -28.55 -13.71
CA GLY B 340 14.18 -27.37 -13.22
C GLY B 340 13.17 -26.33 -12.78
N ARG B 341 13.64 -25.15 -12.45
CA ARG B 341 12.74 -24.10 -12.00
C ARG B 341 13.38 -22.73 -12.00
N PRO B 342 12.69 -21.70 -12.50
CA PRO B 342 13.25 -20.36 -12.52
C PRO B 342 13.77 -20.05 -11.11
N GLN B 343 14.99 -19.55 -11.03
CA GLN B 343 15.67 -19.28 -9.77
C GLN B 343 14.94 -18.41 -8.76
N GLY B 344 14.40 -17.28 -9.21
CA GLY B 344 13.68 -16.39 -8.29
C GLY B 344 12.60 -17.14 -7.51
N THR B 345 11.72 -17.83 -8.23
CA THR B 345 10.62 -18.57 -7.60
C THR B 345 11.14 -19.67 -6.70
N ALA B 346 12.16 -20.38 -7.18
CA ALA B 346 12.76 -21.47 -6.42
C ALA B 346 13.20 -21.01 -5.03
N VAL B 347 13.99 -19.94 -4.99
CA VAL B 347 14.48 -19.43 -3.73
C VAL B 347 13.35 -19.05 -2.79
N TYR B 348 12.37 -18.33 -3.31
CA TYR B 348 11.24 -17.88 -2.50
C TYR B 348 10.39 -19.01 -1.94
N LYS B 349 10.00 -19.95 -2.79
CA LYS B 349 9.16 -21.07 -2.36
C LYS B 349 9.86 -22.02 -1.40
N VAL B 350 11.16 -22.23 -1.57
CA VAL B 350 11.89 -23.11 -0.66
C VAL B 350 12.24 -22.38 0.62
N ALA B 351 12.60 -21.10 0.53
CA ALA B 351 12.95 -20.34 1.73
C ALA B 351 11.72 -20.15 2.64
N GLU B 352 10.56 -19.98 2.02
CA GLU B 352 9.32 -19.80 2.74
C GLU B 352 8.99 -20.99 3.63
N TYR B 353 9.32 -22.19 3.14
CA TYR B 353 9.06 -23.41 3.90
C TYR B 353 10.20 -23.72 4.89
N ALA B 354 11.43 -23.48 4.46
CA ALA B 354 12.61 -23.77 5.28
C ALA B 354 12.75 -22.91 6.55
N ARG B 355 12.36 -21.64 6.48
CA ARG B 355 12.48 -20.78 7.65
C ARG B 355 11.63 -21.27 8.81
N ARG B 356 10.58 -22.02 8.49
CA ARG B 356 9.67 -22.61 9.46
C ARG B 356 10.48 -23.50 10.41
N PHE B 357 11.55 -24.12 9.91
CA PHE B 357 12.37 -25.01 10.73
C PHE B 357 13.76 -24.47 11.01
N GLY B 358 13.98 -23.18 10.78
CA GLY B 358 15.26 -22.56 11.02
C GLY B 358 16.37 -23.05 10.10
N VAL B 359 16.02 -23.53 8.91
CA VAL B 359 17.03 -24.01 7.98
C VAL B 359 17.39 -22.99 6.91
N PRO B 360 18.61 -22.45 6.97
CA PRO B 360 19.11 -21.44 6.02
C PRO B 360 19.13 -21.96 4.59
N ILE B 361 19.03 -21.05 3.64
CA ILE B 361 19.05 -21.44 2.23
C ILE B 361 20.10 -20.70 1.42
N ILE B 362 20.77 -21.45 0.57
CA ILE B 362 21.81 -20.93 -0.28
C ILE B 362 21.28 -20.82 -1.71
N ALA B 363 21.18 -19.60 -2.21
CA ALA B 363 20.72 -19.33 -3.57
C ALA B 363 21.89 -19.63 -4.51
N ASP B 364 21.87 -20.81 -5.12
CA ASP B 364 22.94 -21.24 -5.99
C ASP B 364 22.65 -21.21 -7.49
N GLY B 365 23.35 -20.32 -8.20
CA GLY B 365 23.20 -20.25 -9.65
C GLY B 365 22.46 -19.06 -10.25
N GLY B 366 22.97 -18.57 -11.38
CA GLY B 366 22.33 -17.45 -12.04
C GLY B 366 22.81 -16.07 -11.61
N ILE B 367 23.64 -15.99 -10.58
CA ILE B 367 24.13 -14.69 -10.15
C ILE B 367 25.11 -14.10 -11.16
N GLN B 368 24.84 -12.88 -11.62
CA GLN B 368 25.71 -12.21 -12.59
C GLN B 368 26.01 -10.78 -12.14
N THR B 369 25.29 -10.30 -11.15
CA THR B 369 25.47 -8.94 -10.68
C THR B 369 25.10 -8.81 -9.22
N VAL B 370 25.45 -7.67 -8.64
CA VAL B 370 25.12 -7.39 -7.26
C VAL B 370 23.60 -7.39 -7.14
N GLY B 371 22.95 -6.81 -8.15
CA GLY B 371 21.49 -6.76 -8.16
C GLY B 371 20.86 -8.14 -7.99
N HIS B 372 21.45 -9.13 -8.65
CA HIS B 372 20.95 -10.51 -8.54
C HIS B 372 21.15 -11.00 -7.11
N VAL B 373 22.29 -10.67 -6.51
CA VAL B 373 22.57 -11.10 -5.14
C VAL B 373 21.52 -10.55 -4.18
N VAL B 374 21.29 -9.24 -4.25
CA VAL B 374 20.32 -8.59 -3.37
C VAL B 374 18.90 -9.14 -3.55
N LYS B 375 18.55 -9.58 -4.75
CA LYS B 375 17.22 -10.12 -4.97
C LYS B 375 17.11 -11.50 -4.36
N ALA B 376 18.17 -12.29 -4.50
CA ALA B 376 18.18 -13.64 -3.96
C ALA B 376 18.00 -13.56 -2.45
N LEU B 377 18.69 -12.63 -1.82
CA LEU B 377 18.59 -12.47 -0.37
C LEU B 377 17.23 -11.93 0.07
N ALA B 378 16.72 -10.94 -0.66
CA ALA B 378 15.42 -10.36 -0.32
C ALA B 378 14.29 -11.40 -0.44
N LEU B 379 14.50 -12.40 -1.29
CA LEU B 379 13.49 -13.42 -1.49
C LEU B 379 13.50 -14.52 -0.45
N GLY B 380 14.47 -14.46 0.47
CA GLY B 380 14.52 -15.47 1.51
C GLY B 380 15.82 -16.26 1.68
N ALA B 381 16.70 -16.23 0.69
CA ALA B 381 17.95 -16.96 0.83
C ALA B 381 18.81 -16.30 1.92
N SER B 382 19.58 -17.09 2.66
CA SER B 382 20.44 -16.53 3.69
C SER B 382 21.81 -16.17 3.11
N THR B 383 22.24 -16.96 2.12
CA THR B 383 23.53 -16.70 1.49
C THR B 383 23.38 -16.98 0.01
N VAL B 384 24.37 -16.60 -0.77
CA VAL B 384 24.34 -16.82 -2.21
C VAL B 384 25.61 -17.50 -2.69
N MET B 385 25.47 -18.53 -3.52
CA MET B 385 26.63 -19.24 -4.04
C MET B 385 26.96 -18.74 -5.43
N MET B 386 28.21 -18.37 -5.65
CA MET B 386 28.62 -17.87 -6.96
C MET B 386 29.71 -18.73 -7.58
N GLY B 387 29.58 -18.96 -8.87
CA GLY B 387 30.55 -19.74 -9.60
C GLY B 387 31.25 -18.90 -10.66
N SER B 388 30.63 -18.83 -11.84
CA SER B 388 31.22 -18.09 -12.94
C SER B 388 31.58 -16.63 -12.67
N LEU B 389 30.86 -15.96 -11.77
CA LEU B 389 31.18 -14.56 -11.47
C LEU B 389 32.54 -14.44 -10.81
N LEU B 390 33.00 -15.52 -10.18
CA LEU B 390 34.28 -15.53 -9.49
C LEU B 390 35.34 -16.26 -10.30
N ALA B 391 34.88 -16.97 -11.33
CA ALA B 391 35.77 -17.72 -12.20
C ALA B 391 36.90 -16.86 -12.76
N ALA B 392 36.64 -15.57 -12.94
CA ALA B 392 37.68 -14.67 -13.49
C ALA B 392 38.58 -13.94 -12.49
N THR B 393 38.59 -14.36 -11.23
CA THR B 393 39.44 -13.70 -10.26
C THR B 393 40.80 -14.39 -10.16
N THR B 394 41.78 -13.67 -9.64
CA THR B 394 43.14 -14.19 -9.50
C THR B 394 43.24 -15.51 -8.76
N GLU B 395 42.49 -15.65 -7.67
CA GLU B 395 42.54 -16.86 -6.86
C GLU B 395 41.83 -18.08 -7.43
N ALA B 396 41.20 -17.94 -8.59
CA ALA B 396 40.51 -19.07 -9.20
C ALA B 396 41.54 -19.98 -9.90
N PRO B 397 41.42 -21.29 -9.70
CA PRO B 397 42.35 -22.24 -10.32
C PRO B 397 42.57 -22.03 -11.83
N GLY B 398 43.79 -22.32 -12.29
CA GLY B 398 44.12 -22.19 -13.69
C GLY B 398 45.34 -21.30 -13.98
N GLU B 399 46.38 -21.90 -14.55
CA GLU B 399 47.63 -21.20 -14.89
C GLU B 399 47.84 -19.92 -14.09
N LYS B 450 39.62 -9.79 -13.84
CA LYS B 450 38.72 -9.17 -12.86
C LYS B 450 39.42 -8.92 -11.53
N GLY B 451 40.70 -9.29 -11.46
CA GLY B 451 41.48 -9.08 -10.25
C GLY B 451 41.30 -10.07 -9.11
N SER B 452 41.82 -9.68 -7.95
CA SER B 452 41.80 -10.49 -6.75
C SER B 452 40.47 -10.42 -5.98
N ILE B 453 40.17 -11.51 -5.27
CA ILE B 453 38.96 -11.57 -4.44
C ILE B 453 39.05 -10.46 -3.40
N GLN B 454 40.27 -10.08 -3.02
CA GLN B 454 40.51 -9.03 -2.02
C GLN B 454 40.03 -7.66 -2.44
N LYS B 455 39.76 -7.49 -3.73
CA LYS B 455 39.26 -6.22 -4.24
C LYS B 455 37.79 -6.40 -4.64
N PHE B 456 37.49 -7.53 -5.26
CA PHE B 456 36.15 -7.83 -5.74
C PHE B 456 35.06 -8.02 -4.69
N VAL B 457 35.29 -8.93 -3.72
CA VAL B 457 34.31 -9.16 -2.66
C VAL B 457 33.98 -7.86 -1.93
N PRO B 458 35.00 -7.04 -1.60
CA PRO B 458 34.68 -5.79 -0.91
C PRO B 458 33.79 -4.92 -1.80
N TYR B 459 33.94 -5.08 -3.11
CA TYR B 459 33.13 -4.35 -4.07
C TYR B 459 31.69 -4.85 -3.99
N LEU B 460 31.51 -6.16 -3.84
CA LEU B 460 30.18 -6.75 -3.75
C LEU B 460 29.51 -6.36 -2.44
N ILE B 461 30.29 -6.28 -1.37
CA ILE B 461 29.78 -5.93 -0.05
C ILE B 461 29.20 -4.52 -0.10
N ALA B 462 29.97 -3.59 -0.66
CA ALA B 462 29.50 -2.21 -0.76
C ALA B 462 28.23 -2.16 -1.60
N GLY B 463 28.19 -2.96 -2.67
CA GLY B 463 27.01 -2.99 -3.54
C GLY B 463 25.78 -3.49 -2.82
N ILE B 464 25.91 -4.56 -2.04
CA ILE B 464 24.79 -5.11 -1.31
C ILE B 464 24.33 -4.10 -0.27
N GLN B 465 25.30 -3.46 0.40
CA GLN B 465 24.98 -2.45 1.42
C GLN B 465 24.19 -1.30 0.81
N HIS B 466 24.49 -0.93 -0.42
CA HIS B 466 23.77 0.15 -1.07
C HIS B 466 22.39 -0.37 -1.47
N GLY B 467 22.33 -1.64 -1.83
CA GLY B 467 21.07 -2.24 -2.19
C GLY B 467 20.13 -2.11 -0.99
N CYS B 468 20.62 -2.50 0.18
CA CYS B 468 19.83 -2.43 1.40
C CYS B 468 19.38 -1.03 1.76
N GLN B 469 20.29 -0.07 1.60
CA GLN B 469 19.99 1.30 1.92
C GLN B 469 18.83 1.83 1.07
N ASP B 470 18.90 1.59 -0.23
CA ASP B 470 17.84 2.04 -1.15
C ASP B 470 16.47 1.57 -0.70
N ILE B 471 16.37 0.35 -0.15
CA ILE B 471 15.07 -0.13 0.29
C ILE B 471 14.77 0.29 1.74
N GLY B 472 15.76 0.87 2.41
CA GLY B 472 15.56 1.32 3.78
C GLY B 472 15.80 0.31 4.89
N ALA B 473 16.60 -0.72 4.63
CA ALA B 473 16.89 -1.73 5.63
C ALA B 473 18.34 -1.65 6.13
N ARG B 474 18.49 -1.69 7.45
CA ARG B 474 19.80 -1.61 8.08
C ARG B 474 20.53 -2.94 8.10
N SER B 475 19.86 -4.00 7.67
CA SER B 475 20.48 -5.31 7.61
C SER B 475 19.71 -6.25 6.70
N LEU B 476 20.36 -7.33 6.27
CA LEU B 476 19.74 -8.31 5.40
C LEU B 476 18.59 -9.00 6.12
N SER B 477 18.70 -9.09 7.44
CA SER B 477 17.65 -9.72 8.22
C SER B 477 16.39 -8.84 8.21
N VAL B 478 16.57 -7.54 8.34
CA VAL B 478 15.43 -6.62 8.33
C VAL B 478 14.75 -6.75 6.97
N LEU B 479 15.57 -6.94 5.95
CA LEU B 479 15.12 -7.07 4.58
C LEU B 479 14.14 -8.23 4.34
N ARG B 480 14.58 -9.43 4.68
CA ARG B 480 13.75 -10.62 4.53
C ARG B 480 12.49 -10.41 5.35
N SER B 481 12.65 -9.72 6.47
CA SER B 481 11.56 -9.44 7.37
C SER B 481 10.52 -8.51 6.74
N MET B 482 10.98 -7.48 6.06
CA MET B 482 10.07 -6.58 5.38
C MET B 482 9.32 -7.31 4.25
N MET B 483 9.95 -8.29 3.63
CA MET B 483 9.28 -8.98 2.56
C MET B 483 8.24 -9.97 3.07
N TYR B 484 8.56 -10.74 4.11
CA TYR B 484 7.60 -11.67 4.68
C TYR B 484 6.39 -10.95 5.29
N SER B 485 6.61 -9.75 5.80
CA SER B 485 5.57 -8.91 6.41
C SER B 485 4.63 -8.30 5.38
N GLY B 486 5.07 -8.25 4.13
CA GLY B 486 4.24 -7.61 3.13
C GLY B 486 4.63 -6.15 2.96
N GLU B 487 5.59 -5.66 3.73
CA GLU B 487 6.02 -4.27 3.59
C GLU B 487 6.81 -4.02 2.31
N LEU B 488 7.71 -4.94 1.98
CA LEU B 488 8.53 -4.79 0.79
C LEU B 488 7.68 -4.97 -0.48
N LYS B 489 7.81 -4.04 -1.41
CA LYS B 489 7.03 -4.11 -2.65
C LYS B 489 7.89 -4.37 -3.86
N PHE B 490 7.36 -5.14 -4.81
CA PHE B 490 8.09 -5.46 -6.02
C PHE B 490 7.29 -5.00 -7.21
N GLU B 491 7.87 -5.17 -8.39
CA GLU B 491 7.22 -4.77 -9.61
C GLU B 491 7.67 -5.69 -10.76
N LYS B 492 6.72 -6.39 -11.36
CA LYS B 492 7.01 -7.31 -12.45
C LYS B 492 7.24 -6.60 -13.78
N ARG B 493 8.22 -7.08 -14.54
CA ARG B 493 8.55 -6.53 -15.85
C ARG B 493 7.94 -7.36 -16.98
N THR B 494 7.62 -6.74 -18.10
CA THR B 494 7.07 -7.50 -19.22
C THR B 494 8.25 -8.22 -19.87
N MET B 495 8.01 -9.40 -20.41
CA MET B 495 9.05 -10.20 -21.04
C MET B 495 9.93 -9.43 -22.04
N SER B 496 9.44 -8.29 -22.52
CA SER B 496 10.20 -7.45 -23.45
C SER B 496 10.90 -6.39 -22.61
N ALA B 497 12.05 -6.75 -22.04
CA ALA B 497 12.82 -5.85 -21.19
C ALA B 497 13.26 -4.54 -21.84
N GLN B 498 13.03 -3.44 -21.13
CA GLN B 498 13.41 -2.10 -21.57
C GLN B 498 13.99 -1.33 -20.38
N ILE B 499 15.24 -1.61 -20.04
CA ILE B 499 15.90 -0.93 -18.92
C ILE B 499 17.29 -0.46 -19.31
#